data_2VAJ
# 
_entry.id   2VAJ 
# 
_audit_conform.dict_name       mmcif_pdbx.dic 
_audit_conform.dict_version    5.397 
_audit_conform.dict_location   http://mmcif.pdb.org/dictionaries/ascii/mmcif_pdbx.dic 
# 
loop_
_database_2.database_id 
_database_2.database_code 
_database_2.pdbx_database_accession 
_database_2.pdbx_DOI 
PDB   2VAJ         pdb_00002vaj 10.2210/pdb2vaj/pdb 
PDBE  EBI-33661    ?            ?                   
WWPDB D_1290033661 ?            ?                   
# 
loop_
_pdbx_audit_revision_history.ordinal 
_pdbx_audit_revision_history.data_content_type 
_pdbx_audit_revision_history.major_revision 
_pdbx_audit_revision_history.minor_revision 
_pdbx_audit_revision_history.revision_date 
1 'Structure model' 1 0 2008-08-26 
2 'Structure model' 1 1 2011-05-08 
3 'Structure model' 1 2 2011-07-13 
4 'Structure model' 1 3 2018-01-17 
5 'Structure model' 1 4 2023-12-13 
6 'Structure model' 1 5 2024-10-23 
# 
_pdbx_audit_revision_details.ordinal             1 
_pdbx_audit_revision_details.revision_ordinal    1 
_pdbx_audit_revision_details.data_content_type   'Structure model' 
_pdbx_audit_revision_details.provider            repository 
_pdbx_audit_revision_details.type                'Initial release' 
_pdbx_audit_revision_details.description         ? 
_pdbx_audit_revision_details.details             ? 
# 
loop_
_pdbx_audit_revision_group.ordinal 
_pdbx_audit_revision_group.revision_ordinal 
_pdbx_audit_revision_group.data_content_type 
_pdbx_audit_revision_group.group 
1 2 'Structure model' 'Version format compliance' 
2 3 'Structure model' 'Version format compliance' 
3 4 'Structure model' 'Data collection'           
4 5 'Structure model' 'Data collection'           
5 5 'Structure model' 'Database references'       
6 5 'Structure model' Other                       
7 5 'Structure model' 'Refinement description'    
8 6 'Structure model' 'Structure summary'         
# 
loop_
_pdbx_audit_revision_category.ordinal 
_pdbx_audit_revision_category.revision_ordinal 
_pdbx_audit_revision_category.data_content_type 
_pdbx_audit_revision_category.category 
1 4 'Structure model' diffrn_source                 
2 5 'Structure model' chem_comp_atom                
3 5 'Structure model' chem_comp_bond                
4 5 'Structure model' database_2                    
5 5 'Structure model' pdbx_database_status          
6 5 'Structure model' pdbx_initial_refinement_model 
7 6 'Structure model' pdbx_entry_details            
8 6 'Structure model' pdbx_modification_feature     
# 
loop_
_pdbx_audit_revision_item.ordinal 
_pdbx_audit_revision_item.revision_ordinal 
_pdbx_audit_revision_item.data_content_type 
_pdbx_audit_revision_item.item 
1 4 'Structure model' '_diffrn_source.pdbx_synchrotron_site'         
2 5 'Structure model' '_database_2.pdbx_DOI'                         
3 5 'Structure model' '_database_2.pdbx_database_accession'          
4 5 'Structure model' '_pdbx_database_status.status_code_sf'         
5 6 'Structure model' '_pdbx_entry_details.has_protein_modification' 
# 
_pdbx_database_status.status_code                     REL 
_pdbx_database_status.entry_id                        2VAJ 
_pdbx_database_status.deposit_site                    PDBE 
_pdbx_database_status.process_site                    PDBE 
_pdbx_database_status.SG_entry                        . 
_pdbx_database_status.recvd_initial_deposition_date   2007-08-31 
_pdbx_database_status.pdb_format_compatible           Y 
_pdbx_database_status.status_code_sf                  REL 
_pdbx_database_status.status_code_mr                  ? 
_pdbx_database_status.status_code_cs                  ? 
_pdbx_database_status.methods_development_category    ? 
_pdbx_database_status.status_code_nmr_data            ? 
# 
loop_
_pdbx_database_related.db_name 
_pdbx_database_related.db_id 
_pdbx_database_related.content_type 
_pdbx_database_related.details 
PDB 2V5T unspecified 'CRYSTAL STRUCTURE OF NCAM2 IG2-3'                                                               
PDB 2DOC unspecified 'SOLUTION STRUCTURE OF THE FIBRONECTIN TYPE- III DOMAIN OFHUMAN NEURAL CELL ADHESION MOLECULE 2' 
PDB 2V44 unspecified 'CRYSTAL STRUCTURE OF NCAM2 IG1-2'                                                               
PDB 2VA4 unspecified 'CRYSTAL STRUCTURE OF NCAM2 IG34'                                                                
# 
loop_
_audit_author.name 
_audit_author.pdbx_ordinal 
'Kulahin, N.'            1 
'Rasmussen, K.K.'        2 
'Kristensen, O.'         3 
'Kastrup, J.S.'          4 
'Navarro-Poulsen, J.-C.' 5 
'Berezin, V.'            6 
'Bock, E.'               7 
'Walmod, P.S.'           8 
'Gajhede, M.'            9 
# 
_citation.id                        primary 
_citation.title                     
'Crystal Structure of the Ig1 Domain of the Neural Cell Adhesion Molecule Ncam2 Displays Domain Swapping.' 
_citation.journal_abbrev            J.Mol.Biol. 
_citation.journal_volume            382 
_citation.page_first                1113 
_citation.page_last                 ? 
_citation.year                      2008 
_citation.journal_id_ASTM           JMOBAK 
_citation.country                   UK 
_citation.journal_id_ISSN           0022-2836 
_citation.journal_id_CSD            0070 
_citation.book_publisher            ? 
_citation.pdbx_database_id_PubMed   18706912 
_citation.pdbx_database_id_DOI      10.1016/J.JMB.2008.07.084 
# 
loop_
_citation_author.citation_id 
_citation_author.name 
_citation_author.ordinal 
_citation_author.identifier_ORCID 
primary 'Rasmussen, K.K.'   1  ? 
primary 'Kulahin, N.'       2  ? 
primary 'Kristensen, O.'    3  ? 
primary 'Poulsen, J.C.'     4  ? 
primary 'Sigurskjold, B.W.' 5  ? 
primary 'Kastrup, J.S.'     6  ? 
primary 'Berezin, V.'       7  ? 
primary 'Bock, E.'          8  ? 
primary 'Walmod, P.S.'      9  ? 
primary 'Gajhede, M.'       10 ? 
# 
loop_
_entity.id 
_entity.type 
_entity.src_method 
_entity.pdbx_description 
_entity.formula_weight 
_entity.pdbx_number_of_molecules 
_entity.pdbx_ec 
_entity.pdbx_mutation 
_entity.pdbx_fragment 
_entity.details 
1 polymer man 'NEURAL CELL ADHESION MOLECULE 2' 10364.619 1 ? ? 'IG1, RESIDUES 21-113' ? 
2 water   nat water                             18.015    6 ? ? ?                      ? 
# 
_entity_name_com.entity_id   1 
_entity_name_com.name        'NCAM2, N-CAM 2' 
# 
_entity_poly.entity_id                      1 
_entity_poly.type                           'polypeptide(L)' 
_entity_poly.nstd_linkage                   no 
_entity_poly.nstd_monomer                   no 
_entity_poly.pdbx_seq_one_letter_code       
;LQVTISLSKVELSVGESKFFTCTAIGEPESIDWYNPQGEKIISTQRVVVQKEGVRSRLTIYNANIEDAGIYRCQATDAKG
QTQEATVVLEIYQ
;
_entity_poly.pdbx_seq_one_letter_code_can   
;LQVTISLSKVELSVGESKFFTCTAIGEPESIDWYNPQGEKIISTQRVVVQKEGVRSRLTIYNANIEDAGIYRCQATDAKG
QTQEATVVLEIYQ
;
_entity_poly.pdbx_strand_id                 A 
_entity_poly.pdbx_target_identifier         ? 
# 
_pdbx_entity_nonpoly.entity_id   2 
_pdbx_entity_nonpoly.name        water 
_pdbx_entity_nonpoly.comp_id     HOH 
# 
loop_
_entity_poly_seq.entity_id 
_entity_poly_seq.num 
_entity_poly_seq.mon_id 
_entity_poly_seq.hetero 
1 1  LEU n 
1 2  GLN n 
1 3  VAL n 
1 4  THR n 
1 5  ILE n 
1 6  SER n 
1 7  LEU n 
1 8  SER n 
1 9  LYS n 
1 10 VAL n 
1 11 GLU n 
1 12 LEU n 
1 13 SER n 
1 14 VAL n 
1 15 GLY n 
1 16 GLU n 
1 17 SER n 
1 18 LYS n 
1 19 PHE n 
1 20 PHE n 
1 21 THR n 
1 22 CYS n 
1 23 THR n 
1 24 ALA n 
1 25 ILE n 
1 26 GLY n 
1 27 GLU n 
1 28 PRO n 
1 29 GLU n 
1 30 SER n 
1 31 ILE n 
1 32 ASP n 
1 33 TRP n 
1 34 TYR n 
1 35 ASN n 
1 36 PRO n 
1 37 GLN n 
1 38 GLY n 
1 39 GLU n 
1 40 LYS n 
1 41 ILE n 
1 42 ILE n 
1 43 SER n 
1 44 THR n 
1 45 GLN n 
1 46 ARG n 
1 47 VAL n 
1 48 VAL n 
1 49 VAL n 
1 50 GLN n 
1 51 LYS n 
1 52 GLU n 
1 53 GLY n 
1 54 VAL n 
1 55 ARG n 
1 56 SER n 
1 57 ARG n 
1 58 LEU n 
1 59 THR n 
1 60 ILE n 
1 61 TYR n 
1 62 ASN n 
1 63 ALA n 
1 64 ASN n 
1 65 ILE n 
1 66 GLU n 
1 67 ASP n 
1 68 ALA n 
1 69 GLY n 
1 70 ILE n 
1 71 TYR n 
1 72 ARG n 
1 73 CYS n 
1 74 GLN n 
1 75 ALA n 
1 76 THR n 
1 77 ASP n 
1 78 ALA n 
1 79 LYS n 
1 80 GLY n 
1 81 GLN n 
1 82 THR n 
1 83 GLN n 
1 84 GLU n 
1 85 ALA n 
1 86 THR n 
1 87 VAL n 
1 88 VAL n 
1 89 LEU n 
1 90 GLU n 
1 91 ILE n 
1 92 TYR n 
1 93 GLN n 
# 
_entity_src_gen.entity_id                          1 
_entity_src_gen.pdbx_src_id                        1 
_entity_src_gen.pdbx_alt_source_flag               sample 
_entity_src_gen.pdbx_seq_type                      ? 
_entity_src_gen.pdbx_beg_seq_num                   ? 
_entity_src_gen.pdbx_end_seq_num                   ? 
_entity_src_gen.gene_src_common_name               HUMAN 
_entity_src_gen.gene_src_genus                     ? 
_entity_src_gen.pdbx_gene_src_gene                 ? 
_entity_src_gen.gene_src_species                   ? 
_entity_src_gen.gene_src_strain                    ? 
_entity_src_gen.gene_src_tissue                    ? 
_entity_src_gen.gene_src_tissue_fraction           ? 
_entity_src_gen.gene_src_details                   ? 
_entity_src_gen.pdbx_gene_src_fragment             ? 
_entity_src_gen.pdbx_gene_src_scientific_name      'HOMO SAPIENS' 
_entity_src_gen.pdbx_gene_src_ncbi_taxonomy_id     9606 
_entity_src_gen.pdbx_gene_src_variant              ? 
_entity_src_gen.pdbx_gene_src_cell_line            ? 
_entity_src_gen.pdbx_gene_src_atcc                 ? 
_entity_src_gen.pdbx_gene_src_organ                ? 
_entity_src_gen.pdbx_gene_src_organelle            ? 
_entity_src_gen.pdbx_gene_src_cell                 ? 
_entity_src_gen.pdbx_gene_src_cellular_location    ? 
_entity_src_gen.host_org_common_name               ? 
_entity_src_gen.pdbx_host_org_scientific_name      'PROCHLOROCOCCUS MARINUS SUBSP. PASTORIS' 
_entity_src_gen.pdbx_host_org_ncbi_taxonomy_id     142479 
_entity_src_gen.host_org_genus                     ? 
_entity_src_gen.pdbx_host_org_gene                 ? 
_entity_src_gen.pdbx_host_org_organ                ? 
_entity_src_gen.host_org_species                   ? 
_entity_src_gen.pdbx_host_org_tissue               ? 
_entity_src_gen.pdbx_host_org_tissue_fraction      ? 
_entity_src_gen.pdbx_host_org_strain               ? 
_entity_src_gen.pdbx_host_org_variant              ? 
_entity_src_gen.pdbx_host_org_cell_line            KM71H 
_entity_src_gen.pdbx_host_org_atcc                 ? 
_entity_src_gen.pdbx_host_org_culture_collection   ? 
_entity_src_gen.pdbx_host_org_cell                 ? 
_entity_src_gen.pdbx_host_org_organelle            ? 
_entity_src_gen.pdbx_host_org_cellular_location    ? 
_entity_src_gen.pdbx_host_org_vector_type          ? 
_entity_src_gen.pdbx_host_org_vector               PPICZALFAC 
_entity_src_gen.host_org_details                   ? 
_entity_src_gen.expression_system_id               ? 
_entity_src_gen.plasmid_name                       ? 
_entity_src_gen.plasmid_details                    ? 
_entity_src_gen.pdbx_description                   ? 
# 
loop_
_chem_comp.id 
_chem_comp.type 
_chem_comp.mon_nstd_flag 
_chem_comp.name 
_chem_comp.pdbx_synonyms 
_chem_comp.formula 
_chem_comp.formula_weight 
ALA 'L-peptide linking' y ALANINE         ? 'C3 H7 N O2'     89.093  
ARG 'L-peptide linking' y ARGININE        ? 'C6 H15 N4 O2 1' 175.209 
ASN 'L-peptide linking' y ASPARAGINE      ? 'C4 H8 N2 O3'    132.118 
ASP 'L-peptide linking' y 'ASPARTIC ACID' ? 'C4 H7 N O4'     133.103 
CYS 'L-peptide linking' y CYSTEINE        ? 'C3 H7 N O2 S'   121.158 
GLN 'L-peptide linking' y GLUTAMINE       ? 'C5 H10 N2 O3'   146.144 
GLU 'L-peptide linking' y 'GLUTAMIC ACID' ? 'C5 H9 N O4'     147.129 
GLY 'peptide linking'   y GLYCINE         ? 'C2 H5 N O2'     75.067  
HOH non-polymer         . WATER           ? 'H2 O'           18.015  
ILE 'L-peptide linking' y ISOLEUCINE      ? 'C6 H13 N O2'    131.173 
LEU 'L-peptide linking' y LEUCINE         ? 'C6 H13 N O2'    131.173 
LYS 'L-peptide linking' y LYSINE          ? 'C6 H15 N2 O2 1' 147.195 
PHE 'L-peptide linking' y PHENYLALANINE   ? 'C9 H11 N O2'    165.189 
PRO 'L-peptide linking' y PROLINE         ? 'C5 H9 N O2'     115.130 
SER 'L-peptide linking' y SERINE          ? 'C3 H7 N O3'     105.093 
THR 'L-peptide linking' y THREONINE       ? 'C4 H9 N O3'     119.119 
TRP 'L-peptide linking' y TRYPTOPHAN      ? 'C11 H12 N2 O2'  204.225 
TYR 'L-peptide linking' y TYROSINE        ? 'C9 H11 N O3'    181.189 
VAL 'L-peptide linking' y VALINE          ? 'C5 H11 N O2'    117.146 
# 
loop_
_pdbx_poly_seq_scheme.asym_id 
_pdbx_poly_seq_scheme.entity_id 
_pdbx_poly_seq_scheme.seq_id 
_pdbx_poly_seq_scheme.mon_id 
_pdbx_poly_seq_scheme.ndb_seq_num 
_pdbx_poly_seq_scheme.pdb_seq_num 
_pdbx_poly_seq_scheme.auth_seq_num 
_pdbx_poly_seq_scheme.pdb_mon_id 
_pdbx_poly_seq_scheme.auth_mon_id 
_pdbx_poly_seq_scheme.pdb_strand_id 
_pdbx_poly_seq_scheme.pdb_ins_code 
_pdbx_poly_seq_scheme.hetero 
A 1 1  LEU 1  1  1  LEU LEU A . n 
A 1 2  GLN 2  2  2  GLN GLN A . n 
A 1 3  VAL 3  3  3  VAL VAL A . n 
A 1 4  THR 4  4  4  THR THR A . n 
A 1 5  ILE 5  5  5  ILE ILE A . n 
A 1 6  SER 6  6  6  SER SER A . n 
A 1 7  LEU 7  7  7  LEU LEU A . n 
A 1 8  SER 8  8  8  SER SER A . n 
A 1 9  LYS 9  9  9  LYS LYS A . n 
A 1 10 VAL 10 10 10 VAL VAL A . n 
A 1 11 GLU 11 11 11 GLU GLU A . n 
A 1 12 LEU 12 12 12 LEU LEU A . n 
A 1 13 SER 13 13 13 SER SER A . n 
A 1 14 VAL 14 14 14 VAL VAL A . n 
A 1 15 GLY 15 15 15 GLY GLY A . n 
A 1 16 GLU 16 16 16 GLU GLU A . n 
A 1 17 SER 17 17 17 SER SER A . n 
A 1 18 LYS 18 18 18 LYS LYS A . n 
A 1 19 PHE 19 19 19 PHE PHE A . n 
A 1 20 PHE 20 20 20 PHE PHE A . n 
A 1 21 THR 21 21 21 THR THR A . n 
A 1 22 CYS 22 22 22 CYS CYS A . n 
A 1 23 THR 23 23 23 THR THR A . n 
A 1 24 ALA 24 24 24 ALA ALA A . n 
A 1 25 ILE 25 25 25 ILE ILE A . n 
A 1 26 GLY 26 26 26 GLY GLY A . n 
A 1 27 GLU 27 27 27 GLU GLU A . n 
A 1 28 PRO 28 28 28 PRO PRO A . n 
A 1 29 GLU 29 29 29 GLU GLU A . n 
A 1 30 SER 30 30 30 SER SER A . n 
A 1 31 ILE 31 31 31 ILE ILE A . n 
A 1 32 ASP 32 32 32 ASP ASP A . n 
A 1 33 TRP 33 33 33 TRP TRP A . n 
A 1 34 TYR 34 34 34 TYR TYR A . n 
A 1 35 ASN 35 35 35 ASN ASN A . n 
A 1 36 PRO 36 36 36 PRO PRO A . n 
A 1 37 GLN 37 37 37 GLN GLN A . n 
A 1 38 GLY 38 38 38 GLY GLY A . n 
A 1 39 GLU 39 39 39 GLU GLU A . n 
A 1 40 LYS 40 40 40 LYS LYS A . n 
A 1 41 ILE 41 41 41 ILE ILE A . n 
A 1 42 ILE 42 42 42 ILE ILE A . n 
A 1 43 SER 43 43 43 SER SER A . n 
A 1 44 THR 44 44 44 THR THR A . n 
A 1 45 GLN 45 45 45 GLN GLN A . n 
A 1 46 ARG 46 46 46 ARG ARG A . n 
A 1 47 VAL 47 47 47 VAL VAL A . n 
A 1 48 VAL 48 48 48 VAL VAL A . n 
A 1 49 VAL 49 49 49 VAL VAL A . n 
A 1 50 GLN 50 50 50 GLN GLN A . n 
A 1 51 LYS 51 51 51 LYS LYS A . n 
A 1 52 GLU 52 52 52 GLU GLU A . n 
A 1 53 GLY 53 53 53 GLY GLY A . n 
A 1 54 VAL 54 54 54 VAL VAL A . n 
A 1 55 ARG 55 55 55 ARG ARG A . n 
A 1 56 SER 56 56 56 SER SER A . n 
A 1 57 ARG 57 57 57 ARG ARG A . n 
A 1 58 LEU 58 58 58 LEU LEU A . n 
A 1 59 THR 59 59 59 THR THR A . n 
A 1 60 ILE 60 60 60 ILE ILE A . n 
A 1 61 TYR 61 61 61 TYR TYR A . n 
A 1 62 ASN 62 62 62 ASN ASN A . n 
A 1 63 ALA 63 63 63 ALA ALA A . n 
A 1 64 ASN 64 64 64 ASN ASN A . n 
A 1 65 ILE 65 65 65 ILE ILE A . n 
A 1 66 GLU 66 66 66 GLU GLU A . n 
A 1 67 ASP 67 67 67 ASP ASP A . n 
A 1 68 ALA 68 68 68 ALA ALA A . n 
A 1 69 GLY 69 69 69 GLY GLY A . n 
A 1 70 ILE 70 70 70 ILE ILE A . n 
A 1 71 TYR 71 71 71 TYR TYR A . n 
A 1 72 ARG 72 72 72 ARG ARG A . n 
A 1 73 CYS 73 73 73 CYS CYS A . n 
A 1 74 GLN 74 74 74 GLN GLN A . n 
A 1 75 ALA 75 75 75 ALA ALA A . n 
A 1 76 THR 76 76 76 THR THR A . n 
A 1 77 ASP 77 77 77 ASP ASP A . n 
A 1 78 ALA 78 78 78 ALA ALA A . n 
A 1 79 LYS 79 79 79 LYS LYS A . n 
A 1 80 GLY 80 80 80 GLY GLY A . n 
A 1 81 GLN 81 81 81 GLN GLN A . n 
A 1 82 THR 82 82 82 THR THR A . n 
A 1 83 GLN 83 83 83 GLN GLN A . n 
A 1 84 GLU 84 84 84 GLU GLU A . n 
A 1 85 ALA 85 85 85 ALA ALA A . n 
A 1 86 THR 86 86 86 THR THR A . n 
A 1 87 VAL 87 87 87 VAL VAL A . n 
A 1 88 VAL 88 88 88 VAL VAL A . n 
A 1 89 LEU 89 89 89 LEU LEU A . n 
A 1 90 GLU 90 90 90 GLU GLU A . n 
A 1 91 ILE 91 91 91 ILE ILE A . n 
A 1 92 TYR 92 92 92 TYR TYR A . n 
A 1 93 GLN 93 93 93 GLN GLN A . n 
# 
loop_
_pdbx_nonpoly_scheme.asym_id 
_pdbx_nonpoly_scheme.entity_id 
_pdbx_nonpoly_scheme.mon_id 
_pdbx_nonpoly_scheme.ndb_seq_num 
_pdbx_nonpoly_scheme.pdb_seq_num 
_pdbx_nonpoly_scheme.auth_seq_num 
_pdbx_nonpoly_scheme.pdb_mon_id 
_pdbx_nonpoly_scheme.auth_mon_id 
_pdbx_nonpoly_scheme.pdb_strand_id 
_pdbx_nonpoly_scheme.pdb_ins_code 
B 2 HOH 1 2001 2001 HOH HOH A . 
B 2 HOH 2 2002 2002 HOH HOH A . 
B 2 HOH 3 2003 2003 HOH HOH A . 
B 2 HOH 4 2004 2004 HOH HOH A . 
B 2 HOH 5 2005 2005 HOH HOH A . 
B 2 HOH 6 2006 2006 HOH HOH A . 
# 
loop_
_software.name 
_software.classification 
_software.version 
_software.citation_id 
_software.pdbx_ordinal 
PHENIX    refinement       '(PHENIX.REFINE)' ? 1 
MOSFLM    'data reduction' .                 ? 2 
SCALEPACK 'data scaling'   .                 ? 3 
PHASER    phasing          .                 ? 4 
# 
_cell.entry_id           2VAJ 
_cell.length_a           47.279 
_cell.length_b           47.279 
_cell.length_c           196.727 
_cell.angle_alpha        90.00 
_cell.angle_beta         90.00 
_cell.angle_gamma        90.00 
_cell.Z_PDB              16 
_cell.pdbx_unique_axis   ? 
# 
_symmetry.entry_id                         2VAJ 
_symmetry.space_group_name_H-M             'I 41 2 2' 
_symmetry.pdbx_full_space_group_name_H-M   ? 
_symmetry.cell_setting                     ? 
_symmetry.Int_Tables_number                98 
# 
_exptl.entry_id          2VAJ 
_exptl.method            'X-RAY DIFFRACTION' 
_exptl.crystals_number   1 
# 
_exptl_crystal.id                    1 
_exptl_crystal.density_meas          ? 
_exptl_crystal.density_Matthews      2.75 
_exptl_crystal.density_percent_sol   55.28 
_exptl_crystal.description           NONE 
# 
_diffrn.id                     1 
_diffrn.ambient_temp           100 
_diffrn.ambient_temp_details   ? 
_diffrn.crystal_id             1 
# 
_diffrn_detector.diffrn_id              1 
_diffrn_detector.detector               CCD 
_diffrn_detector.type                   MARRESEARCH 
_diffrn_detector.pdbx_collection_date   2006-12-14 
_diffrn_detector.details                ? 
# 
_diffrn_radiation.diffrn_id                        1 
_diffrn_radiation.wavelength_id                    1 
_diffrn_radiation.pdbx_monochromatic_or_laue_m_l   M 
_diffrn_radiation.monochromator                    ? 
_diffrn_radiation.pdbx_diffrn_protocol             'SINGLE WAVELENGTH' 
_diffrn_radiation.pdbx_scattering_type             x-ray 
# 
_diffrn_radiation_wavelength.id           1 
_diffrn_radiation_wavelength.wavelength   0.9072 
_diffrn_radiation_wavelength.wt           1.0 
# 
_diffrn_source.diffrn_id                   1 
_diffrn_source.source                      SYNCHROTRON 
_diffrn_source.type                        'MAX II BEAMLINE I911-5' 
_diffrn_source.pdbx_synchrotron_site       'MAX II' 
_diffrn_source.pdbx_synchrotron_beamline   I911-5 
_diffrn_source.pdbx_wavelength             0.9072 
_diffrn_source.pdbx_wavelength_list        ? 
# 
_reflns.pdbx_diffrn_id               1 
_reflns.pdbx_ordinal                 1 
_reflns.entry_id                     2VAJ 
_reflns.observed_criterion_sigma_I   0.0 
_reflns.observed_criterion_sigma_F   ? 
_reflns.d_resolution_low             15.00 
_reflns.d_resolution_high            2.70 
_reflns.number_obs                   3356 
_reflns.number_all                   ? 
_reflns.percent_possible_obs         99.2 
_reflns.pdbx_Rmerge_I_obs            0.04 
_reflns.pdbx_Rsym_value              ? 
_reflns.pdbx_netI_over_sigmaI        35.90 
_reflns.B_iso_Wilson_estimate        ? 
_reflns.pdbx_redundancy              10.1 
# 
_reflns_shell.pdbx_diffrn_id         1 
_reflns_shell.pdbx_ordinal           1 
_reflns_shell.d_res_high             2.70 
_reflns_shell.d_res_low              2.85 
_reflns_shell.percent_possible_all   99.2 
_reflns_shell.Rmerge_I_obs           0.10 
_reflns_shell.pdbx_Rsym_value        ? 
_reflns_shell.meanI_over_sigI_obs    7.10 
_reflns_shell.pdbx_redundancy        10.4 
# 
_refine.pdbx_refine_id                           'X-RAY DIFFRACTION' 
_refine.entry_id                                 2VAJ 
_refine.pdbx_diffrn_id                           1 
_refine.pdbx_TLS_residual_ADP_flag               ? 
_refine.ls_number_reflns_obs                     3339 
_refine.ls_number_reflns_all                     ? 
_refine.pdbx_ls_sigma_I                          ? 
_refine.pdbx_ls_sigma_F                          1.97 
_refine.pdbx_data_cutoff_high_absF               ? 
_refine.pdbx_data_cutoff_low_absF                ? 
_refine.pdbx_data_cutoff_high_rms_absF           ? 
_refine.ls_d_res_low                             15.197 
_refine.ls_d_res_high                            2.701 
_refine.ls_percent_reflns_obs                    99.55 
_refine.ls_R_factor_obs                          0.2287 
_refine.ls_R_factor_all                          ? 
_refine.ls_R_factor_R_work                       0.2269 
_refine.ls_R_factor_R_free                       0.2676 
_refine.ls_R_factor_R_free_error                 ? 
_refine.ls_R_factor_R_free_error_details         ? 
_refine.ls_percent_reflns_R_free                 4.3 
_refine.ls_number_reflns_R_free                  145 
_refine.ls_number_parameters                     ? 
_refine.ls_number_restraints                     ? 
_refine.occupancy_min                            ? 
_refine.occupancy_max                            ? 
_refine.correlation_coeff_Fo_to_Fc               ? 
_refine.correlation_coeff_Fo_to_Fc_free          ? 
_refine.B_iso_mean                               ? 
_refine.aniso_B[1][1]                            ? 
_refine.aniso_B[2][2]                            ? 
_refine.aniso_B[3][3]                            ? 
_refine.aniso_B[1][2]                            ? 
_refine.aniso_B[1][3]                            ? 
_refine.aniso_B[2][3]                            ? 
_refine.solvent_model_details                    'FLAT BULK SOLVENT MODEL' 
_refine.solvent_model_param_ksol                 0.355 
_refine.solvent_model_param_bsol                 48.825 
_refine.pdbx_solvent_vdw_probe_radii             1.11 
_refine.pdbx_solvent_ion_probe_radii             ? 
_refine.pdbx_solvent_shrinkage_radii             0.90 
_refine.pdbx_ls_cross_valid_method               ? 
_refine.details                                  ? 
_refine.pdbx_starting_model                      'NCAM IG1 PDB ENTRY 1EPF, CHAIN A' 
_refine.pdbx_method_to_determine_struct          'MOLECULAR REPLACEMENT' 
_refine.pdbx_isotropic_thermal_model             ? 
_refine.pdbx_stereochemistry_target_values       ML 
_refine.pdbx_stereochem_target_val_spec_case     ? 
_refine.pdbx_R_Free_selection_details            ? 
_refine.pdbx_overall_ESU_R                       ? 
_refine.pdbx_overall_ESU_R_Free                  ? 
_refine.overall_SU_ML                            0.34 
_refine.pdbx_overall_phase_error                 31.82 
_refine.overall_SU_B                             ? 
_refine.overall_SU_R_Cruickshank_DPI             ? 
_refine.pdbx_overall_SU_R_free_Cruickshank_DPI   ? 
_refine.pdbx_overall_SU_R_Blow_DPI               ? 
_refine.pdbx_overall_SU_R_free_Blow_DPI          ? 
# 
_refine_hist.pdbx_refine_id                   'X-RAY DIFFRACTION' 
_refine_hist.cycle_id                         LAST 
_refine_hist.pdbx_number_atoms_protein        728 
_refine_hist.pdbx_number_atoms_nucleic_acid   0 
_refine_hist.pdbx_number_atoms_ligand         0 
_refine_hist.number_atoms_solvent             6 
_refine_hist.number_atoms_total               734 
_refine_hist.d_res_high                       2.701 
_refine_hist.d_res_low                        15.197 
# 
loop_
_refine_ls_restr.type 
_refine_ls_restr.dev_ideal 
_refine_ls_restr.dev_ideal_target 
_refine_ls_restr.weight 
_refine_ls_restr.number 
_refine_ls_restr.pdbx_refine_id 
_refine_ls_restr.pdbx_restraint_function 
f_bond_d           0.007  ? ? 738 'X-RAY DIFFRACTION' ? 
f_angle_d          1.059  ? ? 999 'X-RAY DIFFRACTION' ? 
f_dihedral_angle_d 20.967 ? ? 270 'X-RAY DIFFRACTION' ? 
f_chiral_restr     0.068  ? ? 118 'X-RAY DIFFRACTION' ? 
f_plane_restr      0.004  ? ? 129 'X-RAY DIFFRACTION' ? 
# 
_struct.entry_id                  2VAJ 
_struct.title                     'Crystal structure of NCAM2 Ig1 (I4122 cell unit)' 
_struct.pdbx_model_details        ? 
_struct.pdbx_CASP_flag            ? 
_struct.pdbx_model_type_details   ? 
# 
_struct_keywords.entry_id        2VAJ 
_struct_keywords.pdbx_keywords   'CELL ADHESION' 
_struct_keywords.text            'IMMUNOGLOBULIN DOMAIN, CELL ADHESION' 
# 
loop_
_struct_asym.id 
_struct_asym.pdbx_blank_PDB_chainid_flag 
_struct_asym.pdbx_modified 
_struct_asym.entity_id 
_struct_asym.details 
A N N 1 ? 
B N N 2 ? 
# 
_struct_ref.id                         1 
_struct_ref.db_name                    UNP 
_struct_ref.db_code                    NCAM2_HUMAN 
_struct_ref.entity_id                  1 
_struct_ref.pdbx_seq_one_letter_code   ? 
_struct_ref.pdbx_align_begin           ? 
_struct_ref.pdbx_db_accession          O15394 
_struct_ref.pdbx_db_isoform            ? 
# 
_struct_ref_seq.align_id                      1 
_struct_ref_seq.ref_id                        1 
_struct_ref_seq.pdbx_PDB_id_code              2VAJ 
_struct_ref_seq.pdbx_strand_id                A 
_struct_ref_seq.seq_align_beg                 1 
_struct_ref_seq.pdbx_seq_align_beg_ins_code   ? 
_struct_ref_seq.seq_align_end                 93 
_struct_ref_seq.pdbx_seq_align_end_ins_code   ? 
_struct_ref_seq.pdbx_db_accession             O15394 
_struct_ref_seq.db_align_beg                  21 
_struct_ref_seq.pdbx_db_align_beg_ins_code    ? 
_struct_ref_seq.db_align_end                  113 
_struct_ref_seq.pdbx_db_align_end_ins_code    ? 
_struct_ref_seq.pdbx_auth_seq_align_beg       1 
_struct_ref_seq.pdbx_auth_seq_align_end       93 
# 
loop_
_struct_ref_seq_dif.align_id 
_struct_ref_seq_dif.pdbx_pdb_id_code 
_struct_ref_seq_dif.mon_id 
_struct_ref_seq_dif.pdbx_pdb_strand_id 
_struct_ref_seq_dif.seq_num 
_struct_ref_seq_dif.pdbx_pdb_ins_code 
_struct_ref_seq_dif.pdbx_seq_db_name 
_struct_ref_seq_dif.pdbx_seq_db_accession_code 
_struct_ref_seq_dif.db_mon_id 
_struct_ref_seq_dif.pdbx_seq_db_seq_num 
_struct_ref_seq_dif.details 
_struct_ref_seq_dif.pdbx_auth_seq_num 
_struct_ref_seq_dif.pdbx_ordinal 
1 2VAJ GLU A 29 ? UNP O15394 ARG 49 conflict 29 1 
1 2VAJ GLU A 52 ? UNP O15394 GLY 72 conflict 52 2 
# 
_pdbx_struct_assembly.id                   1 
_pdbx_struct_assembly.details              author_and_software_defined_assembly 
_pdbx_struct_assembly.method_details       PQS 
_pdbx_struct_assembly.oligomeric_details   dimeric 
_pdbx_struct_assembly.oligomeric_count     2 
# 
loop_
_pdbx_struct_assembly_prop.biol_id 
_pdbx_struct_assembly_prop.type 
_pdbx_struct_assembly_prop.value 
_pdbx_struct_assembly_prop.details 
1 'ABSA (A^2)' 3230  ? 
1 MORE         -25   ? 
1 'SSA (A^2)'  12030 ? 
# 
_pdbx_struct_assembly_gen.assembly_id       1 
_pdbx_struct_assembly_gen.oper_expression   1,2 
_pdbx_struct_assembly_gen.asym_id_list      A,B 
# 
loop_
_pdbx_struct_oper_list.id 
_pdbx_struct_oper_list.type 
_pdbx_struct_oper_list.name 
_pdbx_struct_oper_list.symmetry_operation 
_pdbx_struct_oper_list.matrix[1][1] 
_pdbx_struct_oper_list.matrix[1][2] 
_pdbx_struct_oper_list.matrix[1][3] 
_pdbx_struct_oper_list.vector[1] 
_pdbx_struct_oper_list.matrix[2][1] 
_pdbx_struct_oper_list.matrix[2][2] 
_pdbx_struct_oper_list.matrix[2][3] 
_pdbx_struct_oper_list.vector[2] 
_pdbx_struct_oper_list.matrix[3][1] 
_pdbx_struct_oper_list.matrix[3][2] 
_pdbx_struct_oper_list.matrix[3][3] 
_pdbx_struct_oper_list.vector[3] 
1 'identity operation'         1_555  x,y,z   1.0000000000  0.0000000000 0.0000000000  0.0000000000  0.0000000000 1.0000000000 0.0000000000  0.0000000000  0.0000000000  0.0000000000  1.0000000000  0.0000000000 
2 'crystal symmetry operation' 10_555 -x,-y,z -0.9029943974 0.4115398284 -0.1234345495 19.5631828976 0.4115398284 0.7459303971 -0.5236628805 -3.2287045446 -0.1234345495 -0.5236628805 -0.8429359997 4.6097128788 
# 
_struct_biol.id   1 
# 
_struct_conf.conf_type_id            HELX_P 
_struct_conf.id                      HELX_P1 
_struct_conf.pdbx_PDB_helix_id       1 
_struct_conf.beg_label_comp_id       ASN 
_struct_conf.beg_label_asym_id       A 
_struct_conf.beg_label_seq_id        64 
_struct_conf.pdbx_beg_PDB_ins_code   ? 
_struct_conf.end_label_comp_id       ALA 
_struct_conf.end_label_asym_id       A 
_struct_conf.end_label_seq_id        68 
_struct_conf.pdbx_end_PDB_ins_code   ? 
_struct_conf.beg_auth_comp_id        ASN 
_struct_conf.beg_auth_asym_id        A 
_struct_conf.beg_auth_seq_id         64 
_struct_conf.end_auth_comp_id        ALA 
_struct_conf.end_auth_asym_id        A 
_struct_conf.end_auth_seq_id         68 
_struct_conf.pdbx_PDB_helix_class    5 
_struct_conf.details                 ? 
_struct_conf.pdbx_PDB_helix_length   5 
# 
_struct_conf_type.id          HELX_P 
_struct_conf_type.criteria    ? 
_struct_conf_type.reference   ? 
# 
_struct_conn.id                            disulf1 
_struct_conn.conn_type_id                  disulf 
_struct_conn.pdbx_leaving_atom_flag        ? 
_struct_conn.pdbx_PDB_id                   ? 
_struct_conn.ptnr1_label_asym_id           A 
_struct_conn.ptnr1_label_comp_id           CYS 
_struct_conn.ptnr1_label_seq_id            22 
_struct_conn.ptnr1_label_atom_id           SG 
_struct_conn.pdbx_ptnr1_label_alt_id       ? 
_struct_conn.pdbx_ptnr1_PDB_ins_code       ? 
_struct_conn.pdbx_ptnr1_standard_comp_id   ? 
_struct_conn.ptnr1_symmetry                1_555 
_struct_conn.ptnr2_label_asym_id           A 
_struct_conn.ptnr2_label_comp_id           CYS 
_struct_conn.ptnr2_label_seq_id            73 
_struct_conn.ptnr2_label_atom_id           SG 
_struct_conn.pdbx_ptnr2_label_alt_id       ? 
_struct_conn.pdbx_ptnr2_PDB_ins_code       ? 
_struct_conn.ptnr1_auth_asym_id            A 
_struct_conn.ptnr1_auth_comp_id            CYS 
_struct_conn.ptnr1_auth_seq_id             22 
_struct_conn.ptnr2_auth_asym_id            A 
_struct_conn.ptnr2_auth_comp_id            CYS 
_struct_conn.ptnr2_auth_seq_id             73 
_struct_conn.ptnr2_symmetry                1_555 
_struct_conn.pdbx_ptnr3_label_atom_id      ? 
_struct_conn.pdbx_ptnr3_label_seq_id       ? 
_struct_conn.pdbx_ptnr3_label_comp_id      ? 
_struct_conn.pdbx_ptnr3_label_asym_id      ? 
_struct_conn.pdbx_ptnr3_label_alt_id       ? 
_struct_conn.pdbx_ptnr3_PDB_ins_code       ? 
_struct_conn.details                       ? 
_struct_conn.pdbx_dist_value               2.011 
_struct_conn.pdbx_value_order              ? 
_struct_conn.pdbx_role                     ? 
# 
_struct_conn_type.id          disulf 
_struct_conn_type.criteria    ? 
_struct_conn_type.reference   ? 
# 
_pdbx_modification_feature.ordinal                            1 
_pdbx_modification_feature.label_comp_id                      CYS 
_pdbx_modification_feature.label_asym_id                      A 
_pdbx_modification_feature.label_seq_id                       22 
_pdbx_modification_feature.label_alt_id                       ? 
_pdbx_modification_feature.modified_residue_label_comp_id     CYS 
_pdbx_modification_feature.modified_residue_label_asym_id     A 
_pdbx_modification_feature.modified_residue_label_seq_id      73 
_pdbx_modification_feature.modified_residue_label_alt_id      ? 
_pdbx_modification_feature.auth_comp_id                       CYS 
_pdbx_modification_feature.auth_asym_id                       A 
_pdbx_modification_feature.auth_seq_id                        22 
_pdbx_modification_feature.PDB_ins_code                       ? 
_pdbx_modification_feature.symmetry                           1_555 
_pdbx_modification_feature.modified_residue_auth_comp_id      CYS 
_pdbx_modification_feature.modified_residue_auth_asym_id      A 
_pdbx_modification_feature.modified_residue_auth_seq_id       73 
_pdbx_modification_feature.modified_residue_PDB_ins_code      ? 
_pdbx_modification_feature.modified_residue_symmetry          1_555 
_pdbx_modification_feature.comp_id_linking_atom               SG 
_pdbx_modification_feature.modified_residue_id_linking_atom   SG 
_pdbx_modification_feature.modified_residue_id                . 
_pdbx_modification_feature.ref_pcm_id                         . 
_pdbx_modification_feature.ref_comp_id                        . 
_pdbx_modification_feature.type                               None 
_pdbx_modification_feature.category                           'Disulfide bridge' 
# 
loop_
_struct_sheet.id 
_struct_sheet.type 
_struct_sheet.number_strands 
_struct_sheet.details 
AA ? 4 ? 
AB ? 3 ? 
# 
loop_
_struct_sheet_order.sheet_id 
_struct_sheet_order.range_id_1 
_struct_sheet_order.range_id_2 
_struct_sheet_order.offset 
_struct_sheet_order.sense 
AA 1 2 ? parallel      
AA 2 3 ? anti-parallel 
AA 3 4 ? anti-parallel 
AB 1 2 ? anti-parallel 
AB 2 3 ? anti-parallel 
# 
loop_
_struct_sheet_range.sheet_id 
_struct_sheet_range.id 
_struct_sheet_range.beg_label_comp_id 
_struct_sheet_range.beg_label_asym_id 
_struct_sheet_range.beg_label_seq_id 
_struct_sheet_range.pdbx_beg_PDB_ins_code 
_struct_sheet_range.end_label_comp_id 
_struct_sheet_range.end_label_asym_id 
_struct_sheet_range.end_label_seq_id 
_struct_sheet_range.pdbx_end_PDB_ins_code 
_struct_sheet_range.beg_auth_comp_id 
_struct_sheet_range.beg_auth_asym_id 
_struct_sheet_range.beg_auth_seq_id 
_struct_sheet_range.end_auth_comp_id 
_struct_sheet_range.end_auth_asym_id 
_struct_sheet_range.end_auth_seq_id 
AA 1 LYS A 9  ? SER A 13 ? LYS A 9  SER A 13 
AA 2 THR A 82 ? TYR A 92 ? THR A 82 TYR A 92 
AA 3 GLY A 69 ? THR A 76 ? GLY A 69 THR A 76 
AA 4 SER A 30 ? TYR A 34 ? SER A 30 TYR A 34 
AB 1 LYS A 18 ? THR A 23 ? LYS A 18 THR A 23 
AB 2 ARG A 55 ? ILE A 60 ? ARG A 55 ILE A 60 
AB 3 VAL A 47 ? GLU A 52 ? VAL A 47 GLU A 52 
# 
loop_
_pdbx_struct_sheet_hbond.sheet_id 
_pdbx_struct_sheet_hbond.range_id_1 
_pdbx_struct_sheet_hbond.range_id_2 
_pdbx_struct_sheet_hbond.range_1_label_atom_id 
_pdbx_struct_sheet_hbond.range_1_label_comp_id 
_pdbx_struct_sheet_hbond.range_1_label_asym_id 
_pdbx_struct_sheet_hbond.range_1_label_seq_id 
_pdbx_struct_sheet_hbond.range_1_PDB_ins_code 
_pdbx_struct_sheet_hbond.range_1_auth_atom_id 
_pdbx_struct_sheet_hbond.range_1_auth_comp_id 
_pdbx_struct_sheet_hbond.range_1_auth_asym_id 
_pdbx_struct_sheet_hbond.range_1_auth_seq_id 
_pdbx_struct_sheet_hbond.range_2_label_atom_id 
_pdbx_struct_sheet_hbond.range_2_label_comp_id 
_pdbx_struct_sheet_hbond.range_2_label_asym_id 
_pdbx_struct_sheet_hbond.range_2_label_seq_id 
_pdbx_struct_sheet_hbond.range_2_PDB_ins_code 
_pdbx_struct_sheet_hbond.range_2_auth_atom_id 
_pdbx_struct_sheet_hbond.range_2_auth_comp_id 
_pdbx_struct_sheet_hbond.range_2_auth_asym_id 
_pdbx_struct_sheet_hbond.range_2_auth_seq_id 
AA 1 2 N VAL A 10 ? N VAL A 10 O VAL A 88 ? O VAL A 88 
AA 2 3 N LEU A 89 ? N LEU A 89 O GLY A 69 ? O GLY A 69 
AA 3 4 N THR A 76 ? N THR A 76 O SER A 30 ? O SER A 30 
AB 1 2 N CYS A 22 ? N CYS A 22 O SER A 56 ? O SER A 56 
AB 2 3 N THR A 59 ? N THR A 59 O VAL A 48 ? O VAL A 48 
# 
_pdbx_entry_details.entry_id                   2VAJ 
_pdbx_entry_details.compound_details           ? 
_pdbx_entry_details.source_details             ? 
_pdbx_entry_details.nonpolymer_details         ? 
_pdbx_entry_details.sequence_details           
;2 AMINO ACID DIFFERENCE BETWEEN THE SEQUENCE OF THE
CRYSTALLIZED PROTEIN AND THE DATABASE SEQUENCE
;
_pdbx_entry_details.has_ligand_of_interest     ? 
_pdbx_entry_details.has_protein_modification   Y 
# 
loop_
_pdbx_validate_torsion.id 
_pdbx_validate_torsion.PDB_model_num 
_pdbx_validate_torsion.auth_comp_id 
_pdbx_validate_torsion.auth_asym_id 
_pdbx_validate_torsion.auth_seq_id 
_pdbx_validate_torsion.PDB_ins_code 
_pdbx_validate_torsion.label_alt_id 
_pdbx_validate_torsion.phi 
_pdbx_validate_torsion.psi 
1 1 GLU A 27 ? ? -109.64 56.00   
2 1 PRO A 36 ? ? -65.00  10.76   
3 1 THR A 44 ? ? -113.93 -154.91 
4 1 GLU A 52 ? ? -116.28 62.77   
5 1 ASN A 62 ? ? 39.02   60.05   
# 
loop_
_chem_comp_atom.comp_id 
_chem_comp_atom.atom_id 
_chem_comp_atom.type_symbol 
_chem_comp_atom.pdbx_aromatic_flag 
_chem_comp_atom.pdbx_stereo_config 
_chem_comp_atom.pdbx_ordinal 
ALA N    N N N 1   
ALA CA   C N S 2   
ALA C    C N N 3   
ALA O    O N N 4   
ALA CB   C N N 5   
ALA OXT  O N N 6   
ALA H    H N N 7   
ALA H2   H N N 8   
ALA HA   H N N 9   
ALA HB1  H N N 10  
ALA HB2  H N N 11  
ALA HB3  H N N 12  
ALA HXT  H N N 13  
ARG N    N N N 14  
ARG CA   C N S 15  
ARG C    C N N 16  
ARG O    O N N 17  
ARG CB   C N N 18  
ARG CG   C N N 19  
ARG CD   C N N 20  
ARG NE   N N N 21  
ARG CZ   C N N 22  
ARG NH1  N N N 23  
ARG NH2  N N N 24  
ARG OXT  O N N 25  
ARG H    H N N 26  
ARG H2   H N N 27  
ARG HA   H N N 28  
ARG HB2  H N N 29  
ARG HB3  H N N 30  
ARG HG2  H N N 31  
ARG HG3  H N N 32  
ARG HD2  H N N 33  
ARG HD3  H N N 34  
ARG HE   H N N 35  
ARG HH11 H N N 36  
ARG HH12 H N N 37  
ARG HH21 H N N 38  
ARG HH22 H N N 39  
ARG HXT  H N N 40  
ASN N    N N N 41  
ASN CA   C N S 42  
ASN C    C N N 43  
ASN O    O N N 44  
ASN CB   C N N 45  
ASN CG   C N N 46  
ASN OD1  O N N 47  
ASN ND2  N N N 48  
ASN OXT  O N N 49  
ASN H    H N N 50  
ASN H2   H N N 51  
ASN HA   H N N 52  
ASN HB2  H N N 53  
ASN HB3  H N N 54  
ASN HD21 H N N 55  
ASN HD22 H N N 56  
ASN HXT  H N N 57  
ASP N    N N N 58  
ASP CA   C N S 59  
ASP C    C N N 60  
ASP O    O N N 61  
ASP CB   C N N 62  
ASP CG   C N N 63  
ASP OD1  O N N 64  
ASP OD2  O N N 65  
ASP OXT  O N N 66  
ASP H    H N N 67  
ASP H2   H N N 68  
ASP HA   H N N 69  
ASP HB2  H N N 70  
ASP HB3  H N N 71  
ASP HD2  H N N 72  
ASP HXT  H N N 73  
CYS N    N N N 74  
CYS CA   C N R 75  
CYS C    C N N 76  
CYS O    O N N 77  
CYS CB   C N N 78  
CYS SG   S N N 79  
CYS OXT  O N N 80  
CYS H    H N N 81  
CYS H2   H N N 82  
CYS HA   H N N 83  
CYS HB2  H N N 84  
CYS HB3  H N N 85  
CYS HG   H N N 86  
CYS HXT  H N N 87  
GLN N    N N N 88  
GLN CA   C N S 89  
GLN C    C N N 90  
GLN O    O N N 91  
GLN CB   C N N 92  
GLN CG   C N N 93  
GLN CD   C N N 94  
GLN OE1  O N N 95  
GLN NE2  N N N 96  
GLN OXT  O N N 97  
GLN H    H N N 98  
GLN H2   H N N 99  
GLN HA   H N N 100 
GLN HB2  H N N 101 
GLN HB3  H N N 102 
GLN HG2  H N N 103 
GLN HG3  H N N 104 
GLN HE21 H N N 105 
GLN HE22 H N N 106 
GLN HXT  H N N 107 
GLU N    N N N 108 
GLU CA   C N S 109 
GLU C    C N N 110 
GLU O    O N N 111 
GLU CB   C N N 112 
GLU CG   C N N 113 
GLU CD   C N N 114 
GLU OE1  O N N 115 
GLU OE2  O N N 116 
GLU OXT  O N N 117 
GLU H    H N N 118 
GLU H2   H N N 119 
GLU HA   H N N 120 
GLU HB2  H N N 121 
GLU HB3  H N N 122 
GLU HG2  H N N 123 
GLU HG3  H N N 124 
GLU HE2  H N N 125 
GLU HXT  H N N 126 
GLY N    N N N 127 
GLY CA   C N N 128 
GLY C    C N N 129 
GLY O    O N N 130 
GLY OXT  O N N 131 
GLY H    H N N 132 
GLY H2   H N N 133 
GLY HA2  H N N 134 
GLY HA3  H N N 135 
GLY HXT  H N N 136 
HOH O    O N N 137 
HOH H1   H N N 138 
HOH H2   H N N 139 
ILE N    N N N 140 
ILE CA   C N S 141 
ILE C    C N N 142 
ILE O    O N N 143 
ILE CB   C N S 144 
ILE CG1  C N N 145 
ILE CG2  C N N 146 
ILE CD1  C N N 147 
ILE OXT  O N N 148 
ILE H    H N N 149 
ILE H2   H N N 150 
ILE HA   H N N 151 
ILE HB   H N N 152 
ILE HG12 H N N 153 
ILE HG13 H N N 154 
ILE HG21 H N N 155 
ILE HG22 H N N 156 
ILE HG23 H N N 157 
ILE HD11 H N N 158 
ILE HD12 H N N 159 
ILE HD13 H N N 160 
ILE HXT  H N N 161 
LEU N    N N N 162 
LEU CA   C N S 163 
LEU C    C N N 164 
LEU O    O N N 165 
LEU CB   C N N 166 
LEU CG   C N N 167 
LEU CD1  C N N 168 
LEU CD2  C N N 169 
LEU OXT  O N N 170 
LEU H    H N N 171 
LEU H2   H N N 172 
LEU HA   H N N 173 
LEU HB2  H N N 174 
LEU HB3  H N N 175 
LEU HG   H N N 176 
LEU HD11 H N N 177 
LEU HD12 H N N 178 
LEU HD13 H N N 179 
LEU HD21 H N N 180 
LEU HD22 H N N 181 
LEU HD23 H N N 182 
LEU HXT  H N N 183 
LYS N    N N N 184 
LYS CA   C N S 185 
LYS C    C N N 186 
LYS O    O N N 187 
LYS CB   C N N 188 
LYS CG   C N N 189 
LYS CD   C N N 190 
LYS CE   C N N 191 
LYS NZ   N N N 192 
LYS OXT  O N N 193 
LYS H    H N N 194 
LYS H2   H N N 195 
LYS HA   H N N 196 
LYS HB2  H N N 197 
LYS HB3  H N N 198 
LYS HG2  H N N 199 
LYS HG3  H N N 200 
LYS HD2  H N N 201 
LYS HD3  H N N 202 
LYS HE2  H N N 203 
LYS HE3  H N N 204 
LYS HZ1  H N N 205 
LYS HZ2  H N N 206 
LYS HZ3  H N N 207 
LYS HXT  H N N 208 
PHE N    N N N 209 
PHE CA   C N S 210 
PHE C    C N N 211 
PHE O    O N N 212 
PHE CB   C N N 213 
PHE CG   C Y N 214 
PHE CD1  C Y N 215 
PHE CD2  C Y N 216 
PHE CE1  C Y N 217 
PHE CE2  C Y N 218 
PHE CZ   C Y N 219 
PHE OXT  O N N 220 
PHE H    H N N 221 
PHE H2   H N N 222 
PHE HA   H N N 223 
PHE HB2  H N N 224 
PHE HB3  H N N 225 
PHE HD1  H N N 226 
PHE HD2  H N N 227 
PHE HE1  H N N 228 
PHE HE2  H N N 229 
PHE HZ   H N N 230 
PHE HXT  H N N 231 
PRO N    N N N 232 
PRO CA   C N S 233 
PRO C    C N N 234 
PRO O    O N N 235 
PRO CB   C N N 236 
PRO CG   C N N 237 
PRO CD   C N N 238 
PRO OXT  O N N 239 
PRO H    H N N 240 
PRO HA   H N N 241 
PRO HB2  H N N 242 
PRO HB3  H N N 243 
PRO HG2  H N N 244 
PRO HG3  H N N 245 
PRO HD2  H N N 246 
PRO HD3  H N N 247 
PRO HXT  H N N 248 
SER N    N N N 249 
SER CA   C N S 250 
SER C    C N N 251 
SER O    O N N 252 
SER CB   C N N 253 
SER OG   O N N 254 
SER OXT  O N N 255 
SER H    H N N 256 
SER H2   H N N 257 
SER HA   H N N 258 
SER HB2  H N N 259 
SER HB3  H N N 260 
SER HG   H N N 261 
SER HXT  H N N 262 
THR N    N N N 263 
THR CA   C N S 264 
THR C    C N N 265 
THR O    O N N 266 
THR CB   C N R 267 
THR OG1  O N N 268 
THR CG2  C N N 269 
THR OXT  O N N 270 
THR H    H N N 271 
THR H2   H N N 272 
THR HA   H N N 273 
THR HB   H N N 274 
THR HG1  H N N 275 
THR HG21 H N N 276 
THR HG22 H N N 277 
THR HG23 H N N 278 
THR HXT  H N N 279 
TRP N    N N N 280 
TRP CA   C N S 281 
TRP C    C N N 282 
TRP O    O N N 283 
TRP CB   C N N 284 
TRP CG   C Y N 285 
TRP CD1  C Y N 286 
TRP CD2  C Y N 287 
TRP NE1  N Y N 288 
TRP CE2  C Y N 289 
TRP CE3  C Y N 290 
TRP CZ2  C Y N 291 
TRP CZ3  C Y N 292 
TRP CH2  C Y N 293 
TRP OXT  O N N 294 
TRP H    H N N 295 
TRP H2   H N N 296 
TRP HA   H N N 297 
TRP HB2  H N N 298 
TRP HB3  H N N 299 
TRP HD1  H N N 300 
TRP HE1  H N N 301 
TRP HE3  H N N 302 
TRP HZ2  H N N 303 
TRP HZ3  H N N 304 
TRP HH2  H N N 305 
TRP HXT  H N N 306 
TYR N    N N N 307 
TYR CA   C N S 308 
TYR C    C N N 309 
TYR O    O N N 310 
TYR CB   C N N 311 
TYR CG   C Y N 312 
TYR CD1  C Y N 313 
TYR CD2  C Y N 314 
TYR CE1  C Y N 315 
TYR CE2  C Y N 316 
TYR CZ   C Y N 317 
TYR OH   O N N 318 
TYR OXT  O N N 319 
TYR H    H N N 320 
TYR H2   H N N 321 
TYR HA   H N N 322 
TYR HB2  H N N 323 
TYR HB3  H N N 324 
TYR HD1  H N N 325 
TYR HD2  H N N 326 
TYR HE1  H N N 327 
TYR HE2  H N N 328 
TYR HH   H N N 329 
TYR HXT  H N N 330 
VAL N    N N N 331 
VAL CA   C N S 332 
VAL C    C N N 333 
VAL O    O N N 334 
VAL CB   C N N 335 
VAL CG1  C N N 336 
VAL CG2  C N N 337 
VAL OXT  O N N 338 
VAL H    H N N 339 
VAL H2   H N N 340 
VAL HA   H N N 341 
VAL HB   H N N 342 
VAL HG11 H N N 343 
VAL HG12 H N N 344 
VAL HG13 H N N 345 
VAL HG21 H N N 346 
VAL HG22 H N N 347 
VAL HG23 H N N 348 
VAL HXT  H N N 349 
# 
loop_
_chem_comp_bond.comp_id 
_chem_comp_bond.atom_id_1 
_chem_comp_bond.atom_id_2 
_chem_comp_bond.value_order 
_chem_comp_bond.pdbx_aromatic_flag 
_chem_comp_bond.pdbx_stereo_config 
_chem_comp_bond.pdbx_ordinal 
ALA N   CA   sing N N 1   
ALA N   H    sing N N 2   
ALA N   H2   sing N N 3   
ALA CA  C    sing N N 4   
ALA CA  CB   sing N N 5   
ALA CA  HA   sing N N 6   
ALA C   O    doub N N 7   
ALA C   OXT  sing N N 8   
ALA CB  HB1  sing N N 9   
ALA CB  HB2  sing N N 10  
ALA CB  HB3  sing N N 11  
ALA OXT HXT  sing N N 12  
ARG N   CA   sing N N 13  
ARG N   H    sing N N 14  
ARG N   H2   sing N N 15  
ARG CA  C    sing N N 16  
ARG CA  CB   sing N N 17  
ARG CA  HA   sing N N 18  
ARG C   O    doub N N 19  
ARG C   OXT  sing N N 20  
ARG CB  CG   sing N N 21  
ARG CB  HB2  sing N N 22  
ARG CB  HB3  sing N N 23  
ARG CG  CD   sing N N 24  
ARG CG  HG2  sing N N 25  
ARG CG  HG3  sing N N 26  
ARG CD  NE   sing N N 27  
ARG CD  HD2  sing N N 28  
ARG CD  HD3  sing N N 29  
ARG NE  CZ   sing N N 30  
ARG NE  HE   sing N N 31  
ARG CZ  NH1  sing N N 32  
ARG CZ  NH2  doub N N 33  
ARG NH1 HH11 sing N N 34  
ARG NH1 HH12 sing N N 35  
ARG NH2 HH21 sing N N 36  
ARG NH2 HH22 sing N N 37  
ARG OXT HXT  sing N N 38  
ASN N   CA   sing N N 39  
ASN N   H    sing N N 40  
ASN N   H2   sing N N 41  
ASN CA  C    sing N N 42  
ASN CA  CB   sing N N 43  
ASN CA  HA   sing N N 44  
ASN C   O    doub N N 45  
ASN C   OXT  sing N N 46  
ASN CB  CG   sing N N 47  
ASN CB  HB2  sing N N 48  
ASN CB  HB3  sing N N 49  
ASN CG  OD1  doub N N 50  
ASN CG  ND2  sing N N 51  
ASN ND2 HD21 sing N N 52  
ASN ND2 HD22 sing N N 53  
ASN OXT HXT  sing N N 54  
ASP N   CA   sing N N 55  
ASP N   H    sing N N 56  
ASP N   H2   sing N N 57  
ASP CA  C    sing N N 58  
ASP CA  CB   sing N N 59  
ASP CA  HA   sing N N 60  
ASP C   O    doub N N 61  
ASP C   OXT  sing N N 62  
ASP CB  CG   sing N N 63  
ASP CB  HB2  sing N N 64  
ASP CB  HB3  sing N N 65  
ASP CG  OD1  doub N N 66  
ASP CG  OD2  sing N N 67  
ASP OD2 HD2  sing N N 68  
ASP OXT HXT  sing N N 69  
CYS N   CA   sing N N 70  
CYS N   H    sing N N 71  
CYS N   H2   sing N N 72  
CYS CA  C    sing N N 73  
CYS CA  CB   sing N N 74  
CYS CA  HA   sing N N 75  
CYS C   O    doub N N 76  
CYS C   OXT  sing N N 77  
CYS CB  SG   sing N N 78  
CYS CB  HB2  sing N N 79  
CYS CB  HB3  sing N N 80  
CYS SG  HG   sing N N 81  
CYS OXT HXT  sing N N 82  
GLN N   CA   sing N N 83  
GLN N   H    sing N N 84  
GLN N   H2   sing N N 85  
GLN CA  C    sing N N 86  
GLN CA  CB   sing N N 87  
GLN CA  HA   sing N N 88  
GLN C   O    doub N N 89  
GLN C   OXT  sing N N 90  
GLN CB  CG   sing N N 91  
GLN CB  HB2  sing N N 92  
GLN CB  HB3  sing N N 93  
GLN CG  CD   sing N N 94  
GLN CG  HG2  sing N N 95  
GLN CG  HG3  sing N N 96  
GLN CD  OE1  doub N N 97  
GLN CD  NE2  sing N N 98  
GLN NE2 HE21 sing N N 99  
GLN NE2 HE22 sing N N 100 
GLN OXT HXT  sing N N 101 
GLU N   CA   sing N N 102 
GLU N   H    sing N N 103 
GLU N   H2   sing N N 104 
GLU CA  C    sing N N 105 
GLU CA  CB   sing N N 106 
GLU CA  HA   sing N N 107 
GLU C   O    doub N N 108 
GLU C   OXT  sing N N 109 
GLU CB  CG   sing N N 110 
GLU CB  HB2  sing N N 111 
GLU CB  HB3  sing N N 112 
GLU CG  CD   sing N N 113 
GLU CG  HG2  sing N N 114 
GLU CG  HG3  sing N N 115 
GLU CD  OE1  doub N N 116 
GLU CD  OE2  sing N N 117 
GLU OE2 HE2  sing N N 118 
GLU OXT HXT  sing N N 119 
GLY N   CA   sing N N 120 
GLY N   H    sing N N 121 
GLY N   H2   sing N N 122 
GLY CA  C    sing N N 123 
GLY CA  HA2  sing N N 124 
GLY CA  HA3  sing N N 125 
GLY C   O    doub N N 126 
GLY C   OXT  sing N N 127 
GLY OXT HXT  sing N N 128 
HOH O   H1   sing N N 129 
HOH O   H2   sing N N 130 
ILE N   CA   sing N N 131 
ILE N   H    sing N N 132 
ILE N   H2   sing N N 133 
ILE CA  C    sing N N 134 
ILE CA  CB   sing N N 135 
ILE CA  HA   sing N N 136 
ILE C   O    doub N N 137 
ILE C   OXT  sing N N 138 
ILE CB  CG1  sing N N 139 
ILE CB  CG2  sing N N 140 
ILE CB  HB   sing N N 141 
ILE CG1 CD1  sing N N 142 
ILE CG1 HG12 sing N N 143 
ILE CG1 HG13 sing N N 144 
ILE CG2 HG21 sing N N 145 
ILE CG2 HG22 sing N N 146 
ILE CG2 HG23 sing N N 147 
ILE CD1 HD11 sing N N 148 
ILE CD1 HD12 sing N N 149 
ILE CD1 HD13 sing N N 150 
ILE OXT HXT  sing N N 151 
LEU N   CA   sing N N 152 
LEU N   H    sing N N 153 
LEU N   H2   sing N N 154 
LEU CA  C    sing N N 155 
LEU CA  CB   sing N N 156 
LEU CA  HA   sing N N 157 
LEU C   O    doub N N 158 
LEU C   OXT  sing N N 159 
LEU CB  CG   sing N N 160 
LEU CB  HB2  sing N N 161 
LEU CB  HB3  sing N N 162 
LEU CG  CD1  sing N N 163 
LEU CG  CD2  sing N N 164 
LEU CG  HG   sing N N 165 
LEU CD1 HD11 sing N N 166 
LEU CD1 HD12 sing N N 167 
LEU CD1 HD13 sing N N 168 
LEU CD2 HD21 sing N N 169 
LEU CD2 HD22 sing N N 170 
LEU CD2 HD23 sing N N 171 
LEU OXT HXT  sing N N 172 
LYS N   CA   sing N N 173 
LYS N   H    sing N N 174 
LYS N   H2   sing N N 175 
LYS CA  C    sing N N 176 
LYS CA  CB   sing N N 177 
LYS CA  HA   sing N N 178 
LYS C   O    doub N N 179 
LYS C   OXT  sing N N 180 
LYS CB  CG   sing N N 181 
LYS CB  HB2  sing N N 182 
LYS CB  HB3  sing N N 183 
LYS CG  CD   sing N N 184 
LYS CG  HG2  sing N N 185 
LYS CG  HG3  sing N N 186 
LYS CD  CE   sing N N 187 
LYS CD  HD2  sing N N 188 
LYS CD  HD3  sing N N 189 
LYS CE  NZ   sing N N 190 
LYS CE  HE2  sing N N 191 
LYS CE  HE3  sing N N 192 
LYS NZ  HZ1  sing N N 193 
LYS NZ  HZ2  sing N N 194 
LYS NZ  HZ3  sing N N 195 
LYS OXT HXT  sing N N 196 
PHE N   CA   sing N N 197 
PHE N   H    sing N N 198 
PHE N   H2   sing N N 199 
PHE CA  C    sing N N 200 
PHE CA  CB   sing N N 201 
PHE CA  HA   sing N N 202 
PHE C   O    doub N N 203 
PHE C   OXT  sing N N 204 
PHE CB  CG   sing N N 205 
PHE CB  HB2  sing N N 206 
PHE CB  HB3  sing N N 207 
PHE CG  CD1  doub Y N 208 
PHE CG  CD2  sing Y N 209 
PHE CD1 CE1  sing Y N 210 
PHE CD1 HD1  sing N N 211 
PHE CD2 CE2  doub Y N 212 
PHE CD2 HD2  sing N N 213 
PHE CE1 CZ   doub Y N 214 
PHE CE1 HE1  sing N N 215 
PHE CE2 CZ   sing Y N 216 
PHE CE2 HE2  sing N N 217 
PHE CZ  HZ   sing N N 218 
PHE OXT HXT  sing N N 219 
PRO N   CA   sing N N 220 
PRO N   CD   sing N N 221 
PRO N   H    sing N N 222 
PRO CA  C    sing N N 223 
PRO CA  CB   sing N N 224 
PRO CA  HA   sing N N 225 
PRO C   O    doub N N 226 
PRO C   OXT  sing N N 227 
PRO CB  CG   sing N N 228 
PRO CB  HB2  sing N N 229 
PRO CB  HB3  sing N N 230 
PRO CG  CD   sing N N 231 
PRO CG  HG2  sing N N 232 
PRO CG  HG3  sing N N 233 
PRO CD  HD2  sing N N 234 
PRO CD  HD3  sing N N 235 
PRO OXT HXT  sing N N 236 
SER N   CA   sing N N 237 
SER N   H    sing N N 238 
SER N   H2   sing N N 239 
SER CA  C    sing N N 240 
SER CA  CB   sing N N 241 
SER CA  HA   sing N N 242 
SER C   O    doub N N 243 
SER C   OXT  sing N N 244 
SER CB  OG   sing N N 245 
SER CB  HB2  sing N N 246 
SER CB  HB3  sing N N 247 
SER OG  HG   sing N N 248 
SER OXT HXT  sing N N 249 
THR N   CA   sing N N 250 
THR N   H    sing N N 251 
THR N   H2   sing N N 252 
THR CA  C    sing N N 253 
THR CA  CB   sing N N 254 
THR CA  HA   sing N N 255 
THR C   O    doub N N 256 
THR C   OXT  sing N N 257 
THR CB  OG1  sing N N 258 
THR CB  CG2  sing N N 259 
THR CB  HB   sing N N 260 
THR OG1 HG1  sing N N 261 
THR CG2 HG21 sing N N 262 
THR CG2 HG22 sing N N 263 
THR CG2 HG23 sing N N 264 
THR OXT HXT  sing N N 265 
TRP N   CA   sing N N 266 
TRP N   H    sing N N 267 
TRP N   H2   sing N N 268 
TRP CA  C    sing N N 269 
TRP CA  CB   sing N N 270 
TRP CA  HA   sing N N 271 
TRP C   O    doub N N 272 
TRP C   OXT  sing N N 273 
TRP CB  CG   sing N N 274 
TRP CB  HB2  sing N N 275 
TRP CB  HB3  sing N N 276 
TRP CG  CD1  doub Y N 277 
TRP CG  CD2  sing Y N 278 
TRP CD1 NE1  sing Y N 279 
TRP CD1 HD1  sing N N 280 
TRP CD2 CE2  doub Y N 281 
TRP CD2 CE3  sing Y N 282 
TRP NE1 CE2  sing Y N 283 
TRP NE1 HE1  sing N N 284 
TRP CE2 CZ2  sing Y N 285 
TRP CE3 CZ3  doub Y N 286 
TRP CE3 HE3  sing N N 287 
TRP CZ2 CH2  doub Y N 288 
TRP CZ2 HZ2  sing N N 289 
TRP CZ3 CH2  sing Y N 290 
TRP CZ3 HZ3  sing N N 291 
TRP CH2 HH2  sing N N 292 
TRP OXT HXT  sing N N 293 
TYR N   CA   sing N N 294 
TYR N   H    sing N N 295 
TYR N   H2   sing N N 296 
TYR CA  C    sing N N 297 
TYR CA  CB   sing N N 298 
TYR CA  HA   sing N N 299 
TYR C   O    doub N N 300 
TYR C   OXT  sing N N 301 
TYR CB  CG   sing N N 302 
TYR CB  HB2  sing N N 303 
TYR CB  HB3  sing N N 304 
TYR CG  CD1  doub Y N 305 
TYR CG  CD2  sing Y N 306 
TYR CD1 CE1  sing Y N 307 
TYR CD1 HD1  sing N N 308 
TYR CD2 CE2  doub Y N 309 
TYR CD2 HD2  sing N N 310 
TYR CE1 CZ   doub Y N 311 
TYR CE1 HE1  sing N N 312 
TYR CE2 CZ   sing Y N 313 
TYR CE2 HE2  sing N N 314 
TYR CZ  OH   sing N N 315 
TYR OH  HH   sing N N 316 
TYR OXT HXT  sing N N 317 
VAL N   CA   sing N N 318 
VAL N   H    sing N N 319 
VAL N   H2   sing N N 320 
VAL CA  C    sing N N 321 
VAL CA  CB   sing N N 322 
VAL CA  HA   sing N N 323 
VAL C   O    doub N N 324 
VAL C   OXT  sing N N 325 
VAL CB  CG1  sing N N 326 
VAL CB  CG2  sing N N 327 
VAL CB  HB   sing N N 328 
VAL CG1 HG11 sing N N 329 
VAL CG1 HG12 sing N N 330 
VAL CG1 HG13 sing N N 331 
VAL CG2 HG21 sing N N 332 
VAL CG2 HG22 sing N N 333 
VAL CG2 HG23 sing N N 334 
VAL OXT HXT  sing N N 335 
# 
_pdbx_initial_refinement_model.id               1 
_pdbx_initial_refinement_model.entity_id_list   ? 
_pdbx_initial_refinement_model.type             'experimental model' 
_pdbx_initial_refinement_model.source_name      PDB 
_pdbx_initial_refinement_model.accession_code   1EPF 
_pdbx_initial_refinement_model.details          'NCAM IG1 PDB ENTRY 1EPF, CHAIN A' 
# 
_pdbx_reflns_twin.domain_id    1 
_pdbx_reflns_twin.crystal_id   1 
_pdbx_reflns_twin.diffrn_id    1 
_pdbx_reflns_twin.type         ? 
_pdbx_reflns_twin.operator     h,-h-k,-l 
_pdbx_reflns_twin.fraction     0.3210 
# 
_atom_sites.entry_id                    2VAJ 
_atom_sites.fract_transf_matrix[1][1]   -0.01954611 
_atom_sites.fract_transf_matrix[1][2]   0.00228194 
_atom_sites.fract_transf_matrix[1][3]   -0.00775289 
_atom_sites.fract_transf_matrix[2][1]   -0.00660425 
_atom_sites.fract_transf_matrix[2][2]   0.00718496 
_atom_sites.fract_transf_matrix[2][3]   0.01876500 
_atom_sites.fract_transf_matrix[3][1]   0.00111945 
_atom_sites.fract_transf_matrix[3][2]   0.00474918 
_atom_sites.fract_transf_matrix[3][3]   -0.00142444 
_atom_sites.fract_transf_vector[1]      0.212745 
_atom_sites.fract_transf_vector[2]      0.032948 
_atom_sites.fract_transf_vector[3]      0.185150 
# 
loop_
_atom_type.symbol 
C 
N 
O 
S 
# 
loop_
_atom_site.group_PDB 
_atom_site.id 
_atom_site.type_symbol 
_atom_site.label_atom_id 
_atom_site.label_alt_id 
_atom_site.label_comp_id 
_atom_site.label_asym_id 
_atom_site.label_entity_id 
_atom_site.label_seq_id 
_atom_site.pdbx_PDB_ins_code 
_atom_site.Cartn_x 
_atom_site.Cartn_y 
_atom_site.Cartn_z 
_atom_site.occupancy 
_atom_site.B_iso_or_equiv 
_atom_site.pdbx_formal_charge 
_atom_site.auth_seq_id 
_atom_site.auth_comp_id 
_atom_site.auth_asym_id 
_atom_site.auth_atom_id 
_atom_site.pdbx_PDB_model_num 
ATOM   1   N N   . LEU A 1 1  ? 18.291  14.604  3.233   1.00 62.52 ? 1    LEU A N   1 
ATOM   2   C CA  . LEU A 1 1  ? 18.333  13.141  3.171   1.00 64.83 ? 1    LEU A CA  1 
ATOM   3   C C   . LEU A 1 1  ? 17.016  12.475  3.566   1.00 62.87 ? 1    LEU A C   1 
ATOM   4   O O   . LEU A 1 1  ? 16.496  12.703  4.661   1.00 59.99 ? 1    LEU A O   1 
ATOM   5   C CB  . LEU A 1 1  ? 19.452  12.584  4.066   1.00 61.52 ? 1    LEU A CB  1 
ATOM   6   C CG  . LEU A 1 1  ? 20.877  12.458  3.518   1.00 56.35 ? 1    LEU A CG  1 
ATOM   7   C CD1 . LEU A 1 1  ? 21.728  11.623  4.456   1.00 54.08 ? 1    LEU A CD1 1 
ATOM   8   C CD2 . LEU A 1 1  ? 20.881  11.841  2.136   1.00 57.50 ? 1    LEU A CD2 1 
ATOM   9   N N   . GLN A 1 2  ? 16.487  11.646  2.670   1.00 64.00 ? 2    GLN A N   1 
ATOM   10  C CA  . GLN A 1 2  ? 15.407  10.723  3.018   1.00 64.24 ? 2    GLN A CA  1 
ATOM   11  C C   . GLN A 1 2  ? 15.838  9.277   2.749   1.00 59.66 ? 2    GLN A C   1 
ATOM   12  O O   . GLN A 1 2  ? 16.250  8.938   1.639   1.00 57.30 ? 2    GLN A O   1 
ATOM   13  C CB  . GLN A 1 2  ? 14.111  11.062  2.272   1.00 68.80 ? 2    GLN A CB  1 
ATOM   14  C CG  . GLN A 1 2  ? 13.009  11.682  3.150   1.00 74.40 ? 2    GLN A CG  1 
ATOM   15  C CD  . GLN A 1 2  ? 12.189  10.638  3.926   1.00 77.88 ? 2    GLN A CD  1 
ATOM   16  O OE1 . GLN A 1 2  ? 11.636  9.691   3.346   1.00 69.20 ? 2    GLN A OE1 1 
ATOM   17  N NE2 . GLN A 1 2  ? 12.097  10.822  5.245   1.00 73.12 ? 2    GLN A NE2 1 
ATOM   18  N N   . VAL A 1 3  ? 15.759  8.438   3.779   1.00 50.78 ? 3    VAL A N   1 
ATOM   19  C CA  . VAL A 1 3  ? 16.204  7.058   3.675   1.00 47.97 ? 3    VAL A CA  1 
ATOM   20  C C   . VAL A 1 3  ? 15.019  6.126   3.817   1.00 51.62 ? 3    VAL A C   1 
ATOM   21  O O   . VAL A 1 3  ? 14.192  6.305   4.710   1.00 55.04 ? 3    VAL A O   1 
ATOM   22  C CB  . VAL A 1 3  ? 17.225  6.713   4.784   1.00 52.89 ? 3    VAL A CB  1 
ATOM   23  C CG1 . VAL A 1 3  ? 17.621  5.237   4.725   1.00 45.22 ? 3    VAL A CG1 1 
ATOM   24  C CG2 . VAL A 1 3  ? 18.447  7.601   4.673   1.00 51.81 ? 3    VAL A CG2 1 
ATOM   25  N N   . THR A 1 4  ? 14.927  5.133   2.939   1.00 52.18 ? 4    THR A N   1 
ATOM   26  C CA  . THR A 1 4  ? 13.877  4.129   3.067   1.00 47.94 ? 4    THR A CA  1 
ATOM   27  C C   . THR A 1 4  ? 14.347  2.732   2.716   1.00 49.02 ? 4    THR A C   1 
ATOM   28  O O   . THR A 1 4  ? 15.134  2.531   1.791   1.00 47.27 ? 4    THR A O   1 
ATOM   29  C CB  . THR A 1 4  ? 12.647  4.447   2.195   1.00 52.70 ? 4    THR A CB  1 
ATOM   30  O OG1 . THR A 1 4  ? 13.068  4.744   0.856   1.00 54.04 ? 4    THR A OG1 1 
ATOM   31  C CG2 . THR A 1 4  ? 11.865  5.617   2.775   1.00 57.76 ? 4    THR A CG2 1 
ATOM   32  N N   . ILE A 1 5  ? 13.839  1.767   3.471   1.00 47.38 ? 5    ILE A N   1 
ATOM   33  C CA  . ILE A 1 5  ? 14.056  0.363   3.184   1.00 49.88 ? 5    ILE A CA  1 
ATOM   34  C C   . ILE A 1 5  ? 12.760  -0.240  2.645   1.00 50.81 ? 5    ILE A C   1 
ATOM   35  O O   . ILE A 1 5  ? 11.745  -0.275  3.340   1.00 50.88 ? 5    ILE A O   1 
ATOM   36  C CB  . ILE A 1 5  ? 14.484  -0.394  4.452   1.00 40.32 ? 5    ILE A CB  1 
ATOM   37  C CG1 . ILE A 1 5  ? 15.602  0.369   5.167   1.00 39.16 ? 5    ILE A CG1 1 
ATOM   38  C CG2 . ILE A 1 5  ? 14.907  -1.816  4.108   1.00 41.83 ? 5    ILE A CG2 1 
ATOM   39  C CD1 . ILE A 1 5  ? 16.092  -0.311  6.421   1.00 39.39 ? 5    ILE A CD1 1 
ATOM   40  N N   . SER A 1 6  ? 12.787  -0.716  1.409   1.00 45.75 ? 6    SER A N   1 
ATOM   41  C CA  . SER A 1 6  ? 11.585  -1.282  0.825   1.00 48.05 ? 6    SER A CA  1 
ATOM   42  C C   . SER A 1 6  ? 11.820  -2.704  0.332   1.00 50.08 ? 6    SER A C   1 
ATOM   43  O O   . SER A 1 6  ? 12.955  -3.063  0.001   1.00 44.83 ? 6    SER A O   1 
ATOM   44  C CB  . SER A 1 6  ? 11.121  -0.401  -0.324  1.00 48.18 ? 6    SER A CB  1 
ATOM   45  O OG  . SER A 1 6  ? 12.149  -0.283  -1.285  1.00 54.99 ? 6    SER A OG  1 
ATOM   46  N N   . LEU A 1 7  ? 10.740  -3.493  0.273   1.00 57.63 ? 7    LEU A N   1 
ATOM   47  C CA  . LEU A 1 7  ? 10.788  -4.888  -0.200  1.00 53.31 ? 7    LEU A CA  1 
ATOM   48  C C   . LEU A 1 7  ? 10.047  -5.125  -1.521  1.00 51.04 ? 7    LEU A C   1 
ATOM   49  O O   . LEU A 1 7  ? 9.013   -4.511  -1.782  1.00 46.78 ? 7    LEU A O   1 
ATOM   50  C CB  . LEU A 1 7  ? 10.213  -5.841  0.849   1.00 43.52 ? 7    LEU A CB  1 
ATOM   51  C CG  . LEU A 1 7  ? 11.060  -6.093  2.090   1.00 47.48 ? 7    LEU A CG  1 
ATOM   52  C CD1 . LEU A 1 7  ? 10.827  -4.993  3.113   1.00 51.55 ? 7    LEU A CD1 1 
ATOM   53  C CD2 . LEU A 1 7  ? 10.724  -7.453  2.673   1.00 48.29 ? 7    LEU A CD2 1 
ATOM   54  N N   . SER A 1 8  ? 10.579  -6.035  -2.338  1.00 51.94 ? 8    SER A N   1 
ATOM   55  C CA  . SER A 1 8  ? 9.946   -6.422  -3.600  1.00 47.35 ? 8    SER A CA  1 
ATOM   56  C C   . SER A 1 8  ? 8.621   -7.107  -3.338  1.00 46.80 ? 8    SER A C   1 
ATOM   57  O O   . SER A 1 8  ? 7.608   -6.808  -3.960  1.00 47.20 ? 8    SER A O   1 
ATOM   58  C CB  . SER A 1 8  ? 10.837  -7.412  -4.365  1.00 53.42 ? 8    SER A CB  1 
ATOM   59  O OG  . SER A 1 8  ? 11.558  -6.789  -5.412  1.00 59.02 ? 8    SER A OG  1 
ATOM   60  N N   . LYS A 1 9  ? 8.654   -8.050  -2.409  1.00 50.23 ? 9    LYS A N   1 
ATOM   61  C CA  . LYS A 1 9  ? 7.559   -8.974  -2.200  1.00 48.29 ? 9    LYS A CA  1 
ATOM   62  C C   . LYS A 1 9  ? 7.538   -9.376  -0.733  1.00 51.56 ? 9    LYS A C   1 
ATOM   63  O O   . LYS A 1 9  ? 8.590   -9.544  -0.110  1.00 51.30 ? 9    LYS A O   1 
ATOM   64  C CB  . LYS A 1 9  ? 7.765   -10.198 -3.095  1.00 48.50 ? 9    LYS A CB  1 
ATOM   65  C CG  . LYS A 1 9  ? 6.967   -11.430 -2.716  1.00 56.75 ? 9    LYS A CG  1 
ATOM   66  C CD  . LYS A 1 9  ? 7.543   -12.676 -3.405  1.00 65.89 ? 9    LYS A CD  1 
ATOM   67  C CE  . LYS A 1 9  ? 6.920   -13.977 -2.874  1.00 77.11 ? 9    LYS A CE  1 
ATOM   68  N NZ  . LYS A 1 9  ? 5.488   -14.178 -3.285  1.00 71.09 ? 9    LYS A NZ  1 
ATOM   69  N N   . VAL A 1 10 ? 6.346   -9.511  -0.170  1.00 46.08 ? 10   VAL A N   1 
ATOM   70  C CA  . VAL A 1 10 ? 6.229   -9.912  1.218   1.00 44.75 ? 10   VAL A CA  1 
ATOM   71  C C   . VAL A 1 10 ? 5.356   -11.148 1.292   1.00 43.08 ? 10   VAL A C   1 
ATOM   72  O O   . VAL A 1 10 ? 4.384   -11.259 0.561   1.00 47.44 ? 10   VAL A O   1 
ATOM   73  C CB  . VAL A 1 10 ? 5.670   -8.763  2.071   1.00 48.57 ? 10   VAL A CB  1 
ATOM   74  C CG1 . VAL A 1 10 ? 5.095   -9.277  3.373   1.00 48.75 ? 10   VAL A CG1 1 
ATOM   75  C CG2 . VAL A 1 10 ? 6.763   -7.751  2.340   1.00 46.48 ? 10   VAL A CG2 1 
ATOM   76  N N   . GLU A 1 11 ? 5.727   -12.096 2.144   1.00 44.94 ? 11   GLU A N   1 
ATOM   77  C CA  . GLU A 1 11 ? 4.918   -13.291 2.326   1.00 45.34 ? 11   GLU A CA  1 
ATOM   78  C C   . GLU A 1 11 ? 4.145   -13.194 3.629   1.00 46.36 ? 11   GLU A C   1 
ATOM   79  O O   . GLU A 1 11 ? 4.716   -12.854 4.668   1.00 45.41 ? 11   GLU A O   1 
ATOM   80  C CB  . GLU A 1 11 ? 5.785   -14.552 2.335   1.00 51.77 ? 11   GLU A CB  1 
ATOM   81  C CG  . GLU A 1 11 ? 6.716   -14.695 1.137   1.00 55.15 ? 11   GLU A CG  1 
ATOM   82  C CD  . GLU A 1 11 ? 8.102   -14.118 1.392   1.00 61.67 ? 11   GLU A CD  1 
ATOM   83  O OE1 . GLU A 1 11 ? 8.577   -14.172 2.551   1.00 60.02 ? 11   GLU A OE1 1 
ATOM   84  O OE2 . GLU A 1 11 ? 8.720   -13.620 0.425   1.00 61.96 ? 11   GLU A OE2 1 
ATOM   85  N N   . LEU A 1 12 ? 2.849   -13.487 3.565   1.00 48.30 ? 12   LEU A N   1 
ATOM   86  C CA  . LEU A 1 12 ? 1.980   -13.463 4.740   1.00 45.81 ? 12   LEU A CA  1 
ATOM   87  C C   . LEU A 1 12 ? 1.338   -14.818 4.948   1.00 48.40 ? 12   LEU A C   1 
ATOM   88  O O   . LEU A 1 12 ? 1.082   -15.535 3.986   1.00 57.90 ? 12   LEU A O   1 
ATOM   89  C CB  . LEU A 1 12 ? 0.876   -12.425 4.568   1.00 47.41 ? 12   LEU A CB  1 
ATOM   90  C CG  . LEU A 1 12 ? 1.174   -11.015 5.046   1.00 42.99 ? 12   LEU A CG  1 
ATOM   91  C CD1 . LEU A 1 12 ? -0.088  -10.197 4.988   1.00 44.96 ? 12   LEU A CD1 1 
ATOM   92  C CD2 . LEU A 1 12 ? 1.684   -11.087 6.454   1.00 45.60 ? 12   LEU A CD2 1 
ATOM   93  N N   . SER A 1 13 ? 1.072   -15.165 6.201   1.00 47.91 ? 13   SER A N   1 
ATOM   94  C CA  . SER A 1 13 ? 0.384   -16.413 6.513   1.00 52.83 ? 13   SER A CA  1 
ATOM   95  C C   . SER A 1 13 ? -1.068  -16.094 6.777   1.00 50.99 ? 13   SER A C   1 
ATOM   96  O O   . SER A 1 13 ? -1.371  -15.055 7.353   1.00 50.56 ? 13   SER A O   1 
ATOM   97  C CB  . SER A 1 13 ? 0.979   -17.056 7.761   1.00 57.18 ? 13   SER A CB  1 
ATOM   98  O OG  . SER A 1 13 ? 0.688   -16.277 8.913   1.00 62.11 ? 13   SER A OG  1 
ATOM   99  N N   . VAL A 1 14 ? -1.970  -16.979 6.364   1.00 52.15 ? 14   VAL A N   1 
ATOM   100 C CA  . VAL A 1 14 ? -3.391  -16.750 6.603   1.00 50.10 ? 14   VAL A CA  1 
ATOM   101 C C   . VAL A 1 14 ? -3.638  -16.481 8.086   1.00 48.43 ? 14   VAL A C   1 
ATOM   102 O O   . VAL A 1 14 ? -3.197  -17.244 8.952   1.00 47.26 ? 14   VAL A O   1 
ATOM   103 C CB  . VAL A 1 14 ? -4.262  -17.931 6.120   1.00 51.35 ? 14   VAL A CB  1 
ATOM   104 C CG1 . VAL A 1 14 ? -5.560  -18.003 6.911   1.00 42.98 ? 14   VAL A CG1 1 
ATOM   105 C CG2 . VAL A 1 14 ? -4.542  -17.810 4.626   1.00 47.26 ? 14   VAL A CG2 1 
ATOM   106 N N   . GLY A 1 15 ? -4.325  -15.378 8.372   1.00 45.73 ? 15   GLY A N   1 
ATOM   107 C CA  . GLY A 1 15 ? -4.641  -15.007 9.742   1.00 46.52 ? 15   GLY A CA  1 
ATOM   108 C C   . GLY A 1 15 ? -3.745  -13.908 10.273  1.00 44.16 ? 15   GLY A C   1 
ATOM   109 O O   . GLY A 1 15 ? -4.114  -13.178 11.192  1.00 41.32 ? 15   GLY A O   1 
ATOM   110 N N   . GLU A 1 16 ? -2.556  -13.798 9.691   1.00 44.68 ? 16   GLU A N   1 
ATOM   111 C CA  . GLU A 1 16 ? -1.607  -12.762 10.060  1.00 43.00 ? 16   GLU A CA  1 
ATOM   112 C C   . GLU A 1 16 ? -2.076  -11.387 9.569   1.00 44.26 ? 16   GLU A C   1 
ATOM   113 O O   . GLU A 1 16 ? -3.015  -11.287 8.782   1.00 44.65 ? 16   GLU A O   1 
ATOM   114 C CB  . GLU A 1 16 ? -0.226  -13.104 9.496   1.00 48.51 ? 16   GLU A CB  1 
ATOM   115 C CG  . GLU A 1 16 ? 0.847   -12.060 9.780   1.00 57.25 ? 16   GLU A CG  1 
ATOM   116 C CD  . GLU A 1 16 ? 2.226   -12.487 9.312   1.00 62.18 ? 16   GLU A CD  1 
ATOM   117 O OE1 . GLU A 1 16 ? 2.370   -13.644 8.855   1.00 68.48 ? 16   GLU A OE1 1 
ATOM   118 O OE2 . GLU A 1 16 ? 3.164   -11.663 9.406   1.00 58.56 ? 16   GLU A OE2 1 
ATOM   119 N N   . SER A 1 17 ? -1.435  -10.329 10.056  1.00 47.69 ? 17   SER A N   1 
ATOM   120 C CA  . SER A 1 17 ? -1.741  -8.972  9.625   1.00 37.16 ? 17   SER A CA  1 
ATOM   121 C C   . SER A 1 17 ? -0.459  -8.160  9.546   1.00 43.63 ? 17   SER A C   1 
ATOM   122 O O   . SER A 1 17 ? 0.455   -8.353  10.347  1.00 51.37 ? 17   SER A O   1 
ATOM   123 C CB  . SER A 1 17 ? -2.731  -8.317  10.584  1.00 38.10 ? 17   SER A CB  1 
ATOM   124 O OG  . SER A 1 17 ? -2.539  -8.782  11.910  1.00 49.04 ? 17   SER A OG  1 
ATOM   125 N N   . LYS A 1 18 ? -0.388  -7.253  8.577   1.00 43.57 ? 18   LYS A N   1 
ATOM   126 C CA  . LYS A 1 18 ? 0.806   -6.433  8.400   1.00 45.22 ? 18   LYS A CA  1 
ATOM   127 C C   . LYS A 1 18 ? 0.458   -5.061  7.805   1.00 41.36 ? 18   LYS A C   1 
ATOM   128 O O   . LYS A 1 18 ? -0.520  -4.939  7.068   1.00 44.02 ? 18   LYS A O   1 
ATOM   129 C CB  . LYS A 1 18 ? 1.805   -7.185  7.514   1.00 46.11 ? 18   LYS A CB  1 
ATOM   130 C CG  . LYS A 1 18 ? 3.163   -6.523  7.369   1.00 43.42 ? 18   LYS A CG  1 
ATOM   131 C CD  . LYS A 1 18 ? 4.215   -7.531  6.936   1.00 43.19 ? 18   LYS A CD  1 
ATOM   132 C CE  . LYS A 1 18 ? 4.545   -8.500  8.071   1.00 52.58 ? 18   LYS A CE  1 
ATOM   133 N NZ  . LYS A 1 18 ? 4.802   -7.805  9.376   1.00 49.25 ? 18   LYS A NZ  1 
ATOM   134 N N   . PHE A 1 19 ? 1.241   -4.032  8.136   1.00 40.24 ? 19   PHE A N   1 
ATOM   135 C CA  . PHE A 1 19 ? 1.072   -2.722  7.496   1.00 38.42 ? 19   PHE A CA  1 
ATOM   136 C C   . PHE A 1 19 ? 2.239   -2.343  6.578   1.00 37.46 ? 19   PHE A C   1 
ATOM   137 O O   . PHE A 1 19 ? 3.381   -2.745  6.796   1.00 37.22 ? 19   PHE A O   1 
ATOM   138 C CB  . PHE A 1 19 ? 0.776   -1.609  8.511   1.00 39.25 ? 19   PHE A CB  1 
ATOM   139 C CG  . PHE A 1 19 ? 1.937   -1.249  9.396   1.00 42.91 ? 19   PHE A CG  1 
ATOM   140 C CD1 . PHE A 1 19 ? 2.984   -0.481  8.916   1.00 45.99 ? 19   PHE A CD1 1 
ATOM   141 C CD2 . PHE A 1 19 ? 1.967   -1.651  10.723  1.00 47.56 ? 19   PHE A CD2 1 
ATOM   142 C CE1 . PHE A 1 19 ? 4.052   -0.144  9.737   1.00 45.57 ? 19   PHE A CE1 1 
ATOM   143 C CE2 . PHE A 1 19 ? 3.034   -1.313  11.548  1.00 44.73 ? 19   PHE A CE2 1 
ATOM   144 C CZ  . PHE A 1 19 ? 4.073   -0.560  11.052  1.00 44.01 ? 19   PHE A CZ  1 
ATOM   145 N N   . PHE A 1 20 ? 1.921   -1.580  5.540   1.00 38.37 ? 20   PHE A N   1 
ATOM   146 C CA  . PHE A 1 20 ? 2.889   -1.153  4.548   1.00 37.25 ? 20   PHE A CA  1 
ATOM   147 C C   . PHE A 1 20 ? 2.877   0.364   4.514   1.00 42.02 ? 20   PHE A C   1 
ATOM   148 O O   . PHE A 1 20 ? 1.811   0.979   4.489   1.00 38.28 ? 20   PHE A O   1 
ATOM   149 C CB  . PHE A 1 20 ? 2.504   -1.678  3.164   1.00 37.84 ? 20   PHE A CB  1 
ATOM   150 C CG  . PHE A 1 20 ? 2.188   -3.139  3.138   1.00 36.17 ? 20   PHE A CG  1 
ATOM   151 C CD1 . PHE A 1 20 ? 3.079   -4.041  2.590   1.00 39.35 ? 20   PHE A CD1 1 
ATOM   152 C CD2 . PHE A 1 20 ? 0.994   -3.612  3.654   1.00 39.08 ? 20   PHE A CD2 1 
ATOM   153 C CE1 . PHE A 1 20 ? 2.788   -5.393  2.567   1.00 44.13 ? 20   PHE A CE1 1 
ATOM   154 C CE2 . PHE A 1 20 ? 0.697   -4.963  3.636   1.00 40.68 ? 20   PHE A CE2 1 
ATOM   155 C CZ  . PHE A 1 20 ? 1.597   -5.854  3.092   1.00 45.63 ? 20   PHE A CZ  1 
ATOM   156 N N   . THR A 1 21 ? 4.053   0.976   4.516   1.00 41.40 ? 21   THR A N   1 
ATOM   157 C CA  . THR A 1 21 ? 4.097   2.420   4.453   1.00 42.80 ? 21   THR A CA  1 
ATOM   158 C C   . THR A 1 21 ? 4.614   2.895   3.112   1.00 47.63 ? 21   THR A C   1 
ATOM   159 O O   . THR A 1 21 ? 5.685   2.478   2.655   1.00 46.09 ? 21   THR A O   1 
ATOM   160 C CB  . THR A 1 21 ? 4.941   3.020   5.569   1.00 46.46 ? 21   THR A CB  1 
ATOM   161 O OG1 . THR A 1 21 ? 4.441   2.566   6.832   1.00 48.81 ? 21   THR A OG1 1 
ATOM   162 C CG2 . THR A 1 21 ? 4.855   4.536   5.523   1.00 47.53 ? 21   THR A CG2 1 
ATOM   163 N N   . CYS A 1 22 ? 3.826   3.763   2.486   1.00 49.27 ? 22   CYS A N   1 
ATOM   164 C CA  . CYS A 1 22 ? 4.194   4.367   1.218   1.00 48.34 ? 22   CYS A CA  1 
ATOM   165 C C   . CYS A 1 22 ? 4.534   5.835   1.418   1.00 48.94 ? 22   CYS A C   1 
ATOM   166 O O   . CYS A 1 22 ? 3.810   6.563   2.099   1.00 46.62 ? 22   CYS A O   1 
ATOM   167 C CB  . CYS A 1 22 ? 3.065   4.239   0.202   1.00 45.81 ? 22   CYS A CB  1 
ATOM   168 S SG  . CYS A 1 22 ? 3.497   4.934   -1.390  1.00 47.66 ? 22   CYS A SG  1 
ATOM   169 N N   . THR A 1 23 ? 5.639   6.257   0.812   1.00 48.93 ? 23   THR A N   1 
ATOM   170 C CA  . THR A 1 23 ? 6.147   7.606   0.987   1.00 48.69 ? 23   THR A CA  1 
ATOM   171 C C   . THR A 1 23 ? 6.386   8.254   -0.374  1.00 48.54 ? 23   THR A C   1 
ATOM   172 O O   . THR A 1 23 ? 7.017   7.661   -1.254  1.00 47.62 ? 23   THR A O   1 
ATOM   173 C CB  . THR A 1 23 ? 7.473   7.596   1.776   1.00 55.57 ? 23   THR A CB  1 
ATOM   174 O OG1 . THR A 1 23 ? 7.590   6.378   2.525   1.00 52.28 ? 23   THR A OG1 1 
ATOM   175 C CG2 . THR A 1 23 ? 7.546   8.788   2.719   1.00 58.67 ? 23   THR A CG2 1 
ATOM   176 N N   . ALA A 1 24 ? 5.865   9.465   -0.545  1.00 52.10 ? 24   ALA A N   1 
ATOM   177 C CA  . ALA A 1 24 ? 6.124   10.251  -1.749  1.00 54.49 ? 24   ALA A CA  1 
ATOM   178 C C   . ALA A 1 24 ? 6.994   11.455  -1.418  1.00 54.33 ? 24   ALA A C   1 
ATOM   179 O O   . ALA A 1 24 ? 6.558   12.402  -0.753  1.00 49.52 ? 24   ALA A O   1 
ATOM   180 C CB  . ALA A 1 24 ? 4.824   10.698  -2.405  1.00 49.69 ? 24   ALA A CB  1 
ATOM   181 N N   . ILE A 1 25 ? 8.238   11.405  -1.873  1.00 55.62 ? 25   ILE A N   1 
ATOM   182 C CA  . ILE A 1 25 ? 9.125   12.537  -1.709  1.00 59.24 ? 25   ILE A CA  1 
ATOM   183 C C   . ILE A 1 25 ? 8.997   13.444  -2.923  1.00 59.58 ? 25   ILE A C   1 
ATOM   184 O O   . ILE A 1 25 ? 9.179   13.027  -4.073  1.00 58.86 ? 25   ILE A O   1 
ATOM   185 C CB  . ILE A 1 25 ? 10.579  12.108  -1.427  1.00 67.53 ? 25   ILE A CB  1 
ATOM   186 C CG1 . ILE A 1 25 ? 10.666  11.472  -0.034  1.00 72.04 ? 25   ILE A CG1 1 
ATOM   187 C CG2 . ILE A 1 25 ? 11.517  13.301  -1.492  1.00 65.96 ? 25   ILE A CG2 1 
ATOM   188 C CD1 . ILE A 1 25 ? 9.875   12.225  1.041   1.00 65.97 ? 25   ILE A CD1 1 
ATOM   189 N N   . GLY A 1 26 ? 8.649   14.690  -2.633  1.00 58.77 ? 26   GLY A N   1 
ATOM   190 C CA  . GLY A 1 26 ? 8.272   15.667  -3.631  1.00 58.19 ? 26   GLY A CA  1 
ATOM   191 C C   . GLY A 1 26 ? 7.255   16.533  -2.924  1.00 63.82 ? 26   GLY A C   1 
ATOM   192 O O   . GLY A 1 26 ? 7.238   16.571  -1.686  1.00 61.19 ? 26   GLY A O   1 
ATOM   193 N N   . GLU A 1 27 ? 6.403   17.216  -3.681  1.00 61.88 ? 27   GLU A N   1 
ATOM   194 C CA  . GLU A 1 27 ? 5.289   17.929  -3.070  1.00 64.46 ? 27   GLU A CA  1 
ATOM   195 C C   . GLU A 1 27 ? 3.975   17.237  -3.406  1.00 63.24 ? 27   GLU A C   1 
ATOM   196 O O   . GLU A 1 27 ? 3.050   17.862  -3.926  1.00 67.91 ? 27   GLU A O   1 
ATOM   197 C CB  . GLU A 1 27 ? 5.266   19.400  -3.493  1.00 72.66 ? 27   GLU A CB  1 
ATOM   198 C CG  . GLU A 1 27 ? 5.976   20.339  -2.513  1.00 78.57 ? 27   GLU A CG  1 
ATOM   199 C CD  . GLU A 1 27 ? 5.618   21.808  -2.727  1.00 91.13 ? 27   GLU A CD  1 
ATOM   200 O OE1 . GLU A 1 27 ? 5.525   22.242  -3.898  1.00 95.31 ? 27   GLU A OE1 1 
ATOM   201 O OE2 . GLU A 1 27 ? 5.432   22.534  -1.725  1.00 86.09 ? 27   GLU A OE2 1 
ATOM   202 N N   . PRO A 1 28 ? 3.882   15.940  -3.075  1.00 56.61 ? 28   PRO A N   1 
ATOM   203 C CA  . PRO A 1 28 ? 2.750   15.083  -3.440  1.00 57.87 ? 28   PRO A CA  1 
ATOM   204 C C   . PRO A 1 28 ? 1.448   15.659  -2.916  1.00 53.31 ? 28   PRO A C   1 
ATOM   205 O O   . PRO A 1 28 ? 1.402   16.063  -1.759  1.00 60.70 ? 28   PRO A O   1 
ATOM   206 C CB  . PRO A 1 28 ? 3.054   13.794  -2.675  1.00 55.67 ? 28   PRO A CB  1 
ATOM   207 C CG  . PRO A 1 28 ? 3.830   14.266  -1.491  1.00 57.28 ? 28   PRO A CG  1 
ATOM   208 C CD  . PRO A 1 28 ? 4.753   15.267  -2.101  1.00 55.82 ? 28   PRO A CD  1 
ATOM   209 N N   . GLU A 1 29 ? 0.405   15.685  -3.738  1.00 48.84 ? 29   GLU A N   1 
ATOM   210 C CA  . GLU A 1 29 ? -0.882  16.183  -3.277  1.00 49.40 ? 29   GLU A CA  1 
ATOM   211 C C   . GLU A 1 29 ? -1.760  15.043  -2.770  1.00 51.39 ? 29   GLU A C   1 
ATOM   212 O O   . GLU A 1 29 ? -2.475  15.200  -1.777  1.00 51.52 ? 29   GLU A O   1 
ATOM   213 C CB  . GLU A 1 29 ? -1.598  16.972  -4.372  1.00 51.33 ? 29   GLU A CB  1 
ATOM   214 C CG  . GLU A 1 29 ? -2.433  18.113  -3.823  1.00 54.41 ? 29   GLU A CG  1 
ATOM   215 C CD  . GLU A 1 29 ? -3.659  18.417  -4.663  1.00 59.17 ? 29   GLU A CD  1 
ATOM   216 O OE1 . GLU A 1 29 ? -3.743  17.929  -5.815  1.00 58.96 ? 29   GLU A OE1 1 
ATOM   217 O OE2 . GLU A 1 29 ? -4.541  19.151  -4.160  1.00 56.32 ? 29   GLU A OE2 1 
ATOM   218 N N   . SER A 1 30 ? -1.689  13.892  -3.440  1.00 51.64 ? 30   SER A N   1 
ATOM   219 C CA  . SER A 1 30 ? -2.438  12.705  -3.014  1.00 46.91 ? 30   SER A CA  1 
ATOM   220 C C   . SER A 1 30 ? -1.638  11.401  -3.118  1.00 44.49 ? 30   SER A C   1 
ATOM   221 O O   . SER A 1 30 ? -0.741  11.267  -3.949  1.00 45.61 ? 30   SER A O   1 
ATOM   222 C CB  . SER A 1 30 ? -3.754  12.586  -3.789  1.00 49.99 ? 30   SER A CB  1 
ATOM   223 O OG  . SER A 1 30 ? -4.570  13.735  -3.585  1.00 54.46 ? 30   SER A OG  1 
ATOM   224 N N   . ILE A 1 31 ? -1.973  10.449  -2.254  1.00 45.25 ? 31   ILE A N   1 
ATOM   225 C CA  . ILE A 1 31 ? -1.365  9.120   -2.262  1.00 41.27 ? 31   ILE A CA  1 
ATOM   226 C C   . ILE A 1 31 ? -2.458  8.096   -2.027  1.00 44.04 ? 31   ILE A C   1 
ATOM   227 O O   . ILE A 1 31 ? -3.139  8.126   -0.997  1.00 46.51 ? 31   ILE A O   1 
ATOM   228 C CB  . ILE A 1 31 ? -0.337  8.942   -1.136  1.00 37.10 ? 31   ILE A CB  1 
ATOM   229 C CG1 . ILE A 1 31 ? 0.667   10.089  -1.131  1.00 36.45 ? 31   ILE A CG1 1 
ATOM   230 C CG2 . ILE A 1 31 ? 0.365   7.604   -1.268  1.00 33.23 ? 31   ILE A CG2 1 
ATOM   231 C CD1 . ILE A 1 31 ? 1.588   10.051  0.046   1.00 42.39 ? 31   ILE A CD1 1 
ATOM   232 N N   . ASP A 1 32 ? -2.626  7.181   -2.972  1.00 41.42 ? 32   ASP A N   1 
ATOM   233 C CA  . ASP A 1 32 ? -3.687  6.202   -2.866  1.00 39.53 ? 32   ASP A CA  1 
ATOM   234 C C   . ASP A 1 32 ? -3.139  4.796   -3.026  1.00 41.53 ? 32   ASP A C   1 
ATOM   235 O O   . ASP A 1 32 ? -2.095  4.592   -3.645  1.00 40.25 ? 32   ASP A O   1 
ATOM   236 C CB  . ASP A 1 32 ? -4.746  6.473   -3.926  1.00 41.69 ? 32   ASP A CB  1 
ATOM   237 C CG  . ASP A 1 32 ? -5.110  7.928   -4.014  1.00 45.30 ? 32   ASP A CG  1 
ATOM   238 O OD1 . ASP A 1 32 ? -5.572  8.472   -2.993  1.00 45.37 ? 32   ASP A OD1 1 
ATOM   239 O OD2 . ASP A 1 32 ? -4.928  8.525   -5.099  1.00 51.04 ? 32   ASP A OD2 1 
ATOM   240 N N   . TRP A 1 33 ? -3.856  3.826   -2.467  1.00 41.67 ? 33   TRP A N   1 
ATOM   241 C CA  . TRP A 1 33 ? -3.488  2.429   -2.627  1.00 42.57 ? 33   TRP A CA  1 
ATOM   242 C C   . TRP A 1 33 ? -4.456  1.713   -3.562  1.00 42.13 ? 33   TRP A C   1 
ATOM   243 O O   . TRP A 1 33 ? -5.673  1.916   -3.493  1.00 39.26 ? 33   TRP A O   1 
ATOM   244 C CB  . TRP A 1 33 ? -3.458  1.728   -1.269  1.00 40.78 ? 33   TRP A CB  1 
ATOM   245 C CG  . TRP A 1 33 ? -2.311  2.153   -0.391  1.00 37.67 ? 33   TRP A CG  1 
ATOM   246 C CD1 . TRP A 1 33 ? -2.262  3.243   0.428   1.00 33.99 ? 33   TRP A CD1 1 
ATOM   247 C CD2 . TRP A 1 33 ? -1.056  1.480   -0.238  1.00 39.84 ? 33   TRP A CD2 1 
ATOM   248 N NE1 . TRP A 1 33 ? -1.053  3.297   1.077   1.00 35.62 ? 33   TRP A NE1 1 
ATOM   249 C CE2 . TRP A 1 33 ? -0.293  2.224   0.687   1.00 38.19 ? 33   TRP A CE2 1 
ATOM   250 C CE3 . TRP A 1 33 ? -0.502  0.320   -0.795  1.00 38.89 ? 33   TRP A CE3 1 
ATOM   251 C CZ2 . TRP A 1 33 ? 0.995   1.849   1.070   1.00 38.11 ? 33   TRP A CZ2 1 
ATOM   252 C CZ3 . TRP A 1 33 ? 0.780   -0.052  -0.412  1.00 44.11 ? 33   TRP A CZ3 1 
ATOM   253 C CH2 . TRP A 1 33 ? 1.514   0.712   0.511   1.00 39.40 ? 33   TRP A CH2 1 
ATOM   254 N N   . TYR A 1 34 ? -3.908  0.877   -4.435  1.00 37.80 ? 34   TYR A N   1 
ATOM   255 C CA  . TYR A 1 34 ? -4.724  0.091   -5.337  1.00 36.66 ? 34   TYR A CA  1 
ATOM   256 C C   . TYR A 1 34 ? -4.509  -1.392  -5.106  1.00 38.43 ? 34   TYR A C   1 
ATOM   257 O O   . TYR A 1 34 ? -3.382  -1.877  -5.106  1.00 44.85 ? 34   TYR A O   1 
ATOM   258 C CB  . TYR A 1 34 ? -4.413  0.459   -6.779  1.00 40.41 ? 34   TYR A CB  1 
ATOM   259 C CG  . TYR A 1 34 ? -4.817  1.864   -7.118  1.00 41.29 ? 34   TYR A CG  1 
ATOM   260 C CD1 . TYR A 1 34 ? -6.054  2.134   -7.681  1.00 45.08 ? 34   TYR A CD1 1 
ATOM   261 C CD2 . TYR A 1 34 ? -3.972  2.927   -6.857  1.00 41.12 ? 34   TYR A CD2 1 
ATOM   262 C CE1 . TYR A 1 34 ? -6.432  3.425   -7.986  1.00 43.23 ? 34   TYR A CE1 1 
ATOM   263 C CE2 . TYR A 1 34 ? -4.341  4.222   -7.160  1.00 39.99 ? 34   TYR A CE2 1 
ATOM   264 C CZ  . TYR A 1 34 ? -5.571  4.462   -7.721  1.00 43.35 ? 34   TYR A CZ  1 
ATOM   265 O OH  . TYR A 1 34 ? -5.942  5.749   -8.020  1.00 53.51 ? 34   TYR A OH  1 
ATOM   266 N N   . ASN A 1 35 ? -5.600  -2.114  -4.900  1.00 36.89 ? 35   ASN A N   1 
ATOM   267 C CA  . ASN A 1 35 ? -5.519  -3.523  -4.573  1.00 38.22 ? 35   ASN A CA  1 
ATOM   268 C C   . ASN A 1 35 ? -5.244  -4.301  -5.846  1.00 38.87 ? 35   ASN A C   1 
ATOM   269 O O   . ASN A 1 35 ? -5.311  -3.735  -6.929  1.00 41.89 ? 35   ASN A O   1 
ATOM   270 C CB  . ASN A 1 35 ? -6.808  -3.980  -3.898  1.00 38.13 ? 35   ASN A CB  1 
ATOM   271 C CG  . ASN A 1 35 ? -7.962  -4.044  -4.850  1.00 43.54 ? 35   ASN A CG  1 
ATOM   272 O OD1 . ASN A 1 35 ? -8.070  -3.241  -5.785  1.00 43.20 ? 35   ASN A OD1 1 
ATOM   273 N ND2 . ASN A 1 35 ? -8.842  -5.004  -4.628  1.00 47.26 ? 35   ASN A ND2 1 
ATOM   274 N N   . PRO A 1 36 ? -4.921  -5.597  -5.725  1.00 37.55 ? 36   PRO A N   1 
ATOM   275 C CA  . PRO A 1 36 ? -4.478  -6.385  -6.878  1.00 38.38 ? 36   PRO A CA  1 
ATOM   276 C C   . PRO A 1 36 ? -5.548  -6.560  -7.947  1.00 45.24 ? 36   PRO A C   1 
ATOM   277 O O   . PRO A 1 36 ? -5.363  -7.360  -8.860  1.00 48.89 ? 36   PRO A O   1 
ATOM   278 C CB  . PRO A 1 36 ? -4.143  -7.747  -6.262  1.00 43.00 ? 36   PRO A CB  1 
ATOM   279 C CG  . PRO A 1 36 ? -3.921  -7.479  -4.826  1.00 45.65 ? 36   PRO A CG  1 
ATOM   280 C CD  . PRO A 1 36 ? -4.883  -6.385  -4.484  1.00 43.10 ? 36   PRO A CD  1 
ATOM   281 N N   . GLN A 1 37 ? -6.650  -5.831  -7.845  1.00 44.23 ? 37   GLN A N   1 
ATOM   282 C CA  . GLN A 1 37 ? -7.697  -5.965  -8.839  1.00 42.38 ? 37   GLN A CA  1 
ATOM   283 C C   . GLN A 1 37 ? -7.958  -4.645  -9.539  1.00 44.49 ? 37   GLN A C   1 
ATOM   284 O O   . GLN A 1 37 ? -8.826  -4.552  -10.406 1.00 50.82 ? 37   GLN A O   1 
ATOM   285 C CB  . GLN A 1 37 ? -8.966  -6.528  -8.210  1.00 42.90 ? 37   GLN A CB  1 
ATOM   286 C CG  . GLN A 1 37 ? -8.725  -7.842  -7.478  1.00 47.96 ? 37   GLN A CG  1 
ATOM   287 C CD  . GLN A 1 37 ? -8.696  -7.684  -5.962  1.00 56.56 ? 37   GLN A CD  1 
ATOM   288 O OE1 . GLN A 1 37 ? -7.685  -7.962  -5.308  1.00 55.58 ? 37   GLN A OE1 1 
ATOM   289 N NE2 . GLN A 1 37 ? -9.820  -7.244  -5.395  1.00 59.72 ? 37   GLN A NE2 1 
ATOM   290 N N   . GLY A 1 38 ? -7.199  -3.626  -9.156  1.00 40.98 ? 38   GLY A N   1 
ATOM   291 C CA  . GLY A 1 38 ? -7.206  -2.363  -9.872  1.00 40.21 ? 38   GLY A CA  1 
ATOM   292 C C   . GLY A 1 38 ? -7.913  -1.252  -9.136  1.00 42.84 ? 38   GLY A C   1 
ATOM   293 O O   . GLY A 1 38 ? -7.915  -0.110  -9.579  1.00 44.98 ? 38   GLY A O   1 
ATOM   294 N N   . GLU A 1 39 ? -8.496  -1.573  -7.989  1.00 43.10 ? 39   GLU A N   1 
ATOM   295 C CA  . GLU A 1 39 ? -9.409  -0.649  -7.339  1.00 39.48 ? 39   GLU A CA  1 
ATOM   296 C C   . GLU A 1 39 ? -8.800  0.078   -6.168  1.00 40.15 ? 39   GLU A C   1 
ATOM   297 O O   . GLU A 1 39 ? -8.193  -0.546  -5.315  1.00 46.77 ? 39   GLU A O   1 
ATOM   298 C CB  . GLU A 1 39 ? -10.626 -1.425  -6.882  1.00 38.63 ? 39   GLU A CB  1 
ATOM   299 C CG  . GLU A 1 39 ? -11.192 -2.241  -7.994  1.00 42.34 ? 39   GLU A CG  1 
ATOM   300 C CD  . GLU A 1 39 ? -12.525 -2.801  -7.649  1.00 48.83 ? 39   GLU A CD  1 
ATOM   301 O OE1 . GLU A 1 39 ? -12.624 -3.378  -6.541  1.00 51.56 ? 39   GLU A OE1 1 
ATOM   302 O OE2 . GLU A 1 39 ? -13.458 -2.657  -8.481  1.00 44.48 ? 39   GLU A OE2 1 
ATOM   303 N N   . LYS A 1 40 ? -8.971  1.399   -6.115  1.00 43.42 ? 40   LYS A N   1 
ATOM   304 C CA  . LYS A 1 40 ? -8.496  2.169   -4.966  1.00 40.68 ? 40   LYS A CA  1 
ATOM   305 C C   . LYS A 1 40 ? -9.070  1.576   -3.693  1.00 43.80 ? 40   LYS A C   1 
ATOM   306 O O   . LYS A 1 40 ? -10.280 1.426   -3.563  1.00 52.21 ? 40   LYS A O   1 
ATOM   307 C CB  . LYS A 1 40 ? -8.880  3.648   -5.081  1.00 40.51 ? 40   LYS A CB  1 
ATOM   308 C CG  . LYS A 1 40 ? -8.983  4.380   -3.744  1.00 40.66 ? 40   LYS A CG  1 
ATOM   309 C CD  . LYS A 1 40 ? -8.539  5.841   -3.855  1.00 41.61 ? 40   LYS A CD  1 
ATOM   310 C CE  . LYS A 1 40 ? -9.449  6.645   -4.763  1.00 49.54 ? 40   LYS A CE  1 
ATOM   311 N NZ  . LYS A 1 40 ? -8.726  7.732   -5.501  1.00 51.41 ? 40   LYS A NZ  1 
ATOM   312 N N   . ILE A 1 41 ? -8.203  1.221   -2.756  1.00 41.95 ? 41   ILE A N   1 
ATOM   313 C CA  . ILE A 1 41 ? -8.653  0.631   -1.504  1.00 38.14 ? 41   ILE A CA  1 
ATOM   314 C C   . ILE A 1 41 ? -9.364  1.649   -0.605  1.00 42.68 ? 41   ILE A C   1 
ATOM   315 O O   . ILE A 1 41 ? -8.811  2.696   -0.270  1.00 44.50 ? 41   ILE A O   1 
ATOM   316 C CB  . ILE A 1 41 ? -7.474  0.017   -0.748  1.00 35.83 ? 41   ILE A CB  1 
ATOM   317 C CG1 . ILE A 1 41 ? -6.817  -1.054  -1.613  1.00 36.72 ? 41   ILE A CG1 1 
ATOM   318 C CG2 . ILE A 1 41 ? -7.932  -0.558  0.585   1.00 40.02 ? 41   ILE A CG2 1 
ATOM   319 C CD1 . ILE A 1 41 ? -5.549  -1.615  -1.039  1.00 37.10 ? 41   ILE A CD1 1 
ATOM   320 N N   . ILE A 1 42 ? -10.597 1.337   -0.227  1.00 41.15 ? 42   ILE A N   1 
ATOM   321 C CA  . ILE A 1 42 ? -11.329 2.143   0.740   1.00 41.63 ? 42   ILE A CA  1 
ATOM   322 C C   . ILE A 1 42 ? -11.257 1.451   2.100   1.00 41.98 ? 42   ILE A C   1 
ATOM   323 O O   . ILE A 1 42 ? -11.571 0.269   2.208   1.00 43.63 ? 42   ILE A O   1 
ATOM   324 C CB  . ILE A 1 42 ? -12.811 2.314   0.313   1.00 47.91 ? 42   ILE A CB  1 
ATOM   325 C CG1 . ILE A 1 42 ? -12.953 3.483   -0.657  1.00 47.02 ? 42   ILE A CG1 1 
ATOM   326 C CG2 . ILE A 1 42 ? -13.714 2.540   1.512   1.00 46.54 ? 42   ILE A CG2 1 
ATOM   327 C CD1 . ILE A 1 42 ? -12.371 3.211   -2.009  1.00 43.21 ? 42   ILE A CD1 1 
ATOM   328 N N   . SER A 1 43 ? -10.827 2.166   3.136   1.00 43.28 ? 43   SER A N   1 
ATOM   329 C CA  . SER A 1 43 ? -10.730 1.554   4.461   1.00 36.01 ? 43   SER A CA  1 
ATOM   330 C C   . SER A 1 43 ? -11.991 0.745   4.749   1.00 41.52 ? 43   SER A C   1 
ATOM   331 O O   . SER A 1 43 ? -13.105 1.234   4.546   1.00 46.31 ? 43   SER A O   1 
ATOM   332 C CB  . SER A 1 43 ? -10.541 2.613   5.554   1.00 35.68 ? 43   SER A CB  1 
ATOM   333 O OG  . SER A 1 43 ? -9.244  3.195   5.528   1.00 39.96 ? 43   SER A OG  1 
ATOM   334 N N   . THR A 1 44 ? -11.809 -0.500  5.184   1.00 40.87 ? 44   THR A N   1 
ATOM   335 C CA  . THR A 1 44 ? -12.892 -1.295  5.760   1.00 38.94 ? 44   THR A CA  1 
ATOM   336 C C   . THR A 1 44 ? -12.571 -1.536  7.229   1.00 37.48 ? 44   THR A C   1 
ATOM   337 O O   . THR A 1 44 ? -11.853 -0.754  7.837   1.00 43.39 ? 44   THR A O   1 
ATOM   338 C CB  . THR A 1 44 ? -13.085 -2.642  5.041   1.00 40.09 ? 44   THR A CB  1 
ATOM   339 O OG1 . THR A 1 44 ? -12.011 -3.528  5.373   1.00 43.75 ? 44   THR A OG1 1 
ATOM   340 C CG2 . THR A 1 44 ? -13.128 -2.441  3.540   1.00 42.32 ? 44   THR A CG2 1 
ATOM   341 N N   . GLN A 1 45 ? -13.101 -2.603  7.807   1.00 39.05 ? 45   GLN A N   1 
ATOM   342 C CA  . GLN A 1 45 ? -12.834 -2.898  9.212   1.00 44.82 ? 45   GLN A CA  1 
ATOM   343 C C   . GLN A 1 45 ? -11.535 -3.684  9.316   1.00 44.37 ? 45   GLN A C   1 
ATOM   344 O O   . GLN A 1 45 ? -10.939 -3.818  10.393  1.00 37.48 ? 45   GLN A O   1 
ATOM   345 C CB  . GLN A 1 45 ? -13.981 -3.719  9.812   1.00 47.85 ? 45   GLN A CB  1 
ATOM   346 C CG  . GLN A 1 45 ? -15.169 -2.904  10.304  1.00 57.86 ? 45   GLN A CG  1 
ATOM   347 C CD  . GLN A 1 45 ? -14.954 -2.346  11.711  1.00 70.79 ? 45   GLN A CD  1 
ATOM   348 O OE1 . GLN A 1 45 ? -15.701 -2.671  12.645  1.00 73.80 ? 45   GLN A OE1 1 
ATOM   349 N NE2 . GLN A 1 45 ? -13.926 -1.511  11.871  1.00 54.43 ? 45   GLN A NE2 1 
ATOM   350 N N   . ARG A 1 46 ? -11.098 -4.187  8.169   1.00 41.34 ? 46   ARG A N   1 
ATOM   351 C CA  . ARG A 1 46 ? -10.096 -5.238  8.121   1.00 41.61 ? 46   ARG A CA  1 
ATOM   352 C C   . ARG A 1 46 ? -8.907  -4.813  7.270   1.00 41.56 ? 46   ARG A C   1 
ATOM   353 O O   . ARG A 1 46 ? -7.787  -5.294  7.447   1.00 42.96 ? 46   ARG A O   1 
ATOM   354 C CB  . ARG A 1 46 ? -10.732 -6.501  7.540   1.00 40.72 ? 46   ARG A CB  1 
ATOM   355 C CG  . ARG A 1 46 ? -9.864  -7.735  7.593   1.00 40.16 ? 46   ARG A CG  1 
ATOM   356 C CD  . ARG A 1 46 ? -10.519 -8.863  6.829   1.00 43.99 ? 46   ARG A CD  1 
ATOM   357 N NE  . ARG A 1 46 ? -10.308 -8.747  5.390   1.00 41.58 ? 46   ARG A NE  1 
ATOM   358 C CZ  . ARG A 1 46 ? -9.179  -9.099  4.788   1.00 40.74 ? 46   ARG A CZ  1 
ATOM   359 N NH1 . ARG A 1 46 ? -8.175  -9.576  5.511   1.00 39.35 ? 46   ARG A NH1 1 
ATOM   360 N NH2 . ARG A 1 46 ? -9.047  -8.979  3.474   1.00 39.36 ? 46   ARG A NH2 1 
ATOM   361 N N   . VAL A 1 47 ? -9.162  -3.917  6.331   1.00 37.81 ? 47   VAL A N   1 
ATOM   362 C CA  . VAL A 1 47 ? -8.093  -3.323  5.564   1.00 36.24 ? 47   VAL A CA  1 
ATOM   363 C C   . VAL A 1 47 ? -8.239  -1.810  5.642   1.00 39.60 ? 47   VAL A C   1 
ATOM   364 O O   . VAL A 1 47 ? -9.121  -1.222  5.024   1.00 43.34 ? 47   VAL A O   1 
ATOM   365 C CB  . VAL A 1 47 ? -8.121  -3.800  4.119   1.00 37.54 ? 47   VAL A CB  1 
ATOM   366 C CG1 . VAL A 1 47 ? -7.058  -3.073  3.305   1.00 37.98 ? 47   VAL A CG1 1 
ATOM   367 C CG2 . VAL A 1 47 ? -7.918  -5.307  4.071   1.00 32.72 ? 47   VAL A CG2 1 
ATOM   368 N N   . VAL A 1 48 ? -7.372  -1.190  6.426   1.00 36.98 ? 48   VAL A N   1 
ATOM   369 C CA  . VAL A 1 48 ? -7.457  0.228   6.708   1.00 36.74 ? 48   VAL A CA  1 
ATOM   370 C C   . VAL A 1 48 ? -6.325  0.982   6.024   1.00 37.97 ? 48   VAL A C   1 
ATOM   371 O O   . VAL A 1 48 ? -5.197  0.498   5.966   1.00 41.04 ? 48   VAL A O   1 
ATOM   372 C CB  . VAL A 1 48 ? -7.332  0.452   8.224   1.00 37.63 ? 48   VAL A CB  1 
ATOM   373 C CG1 . VAL A 1 48 ? -7.406  1.917   8.562   1.00 43.20 ? 48   VAL A CG1 1 
ATOM   374 C CG2 . VAL A 1 48 ? -8.407  -0.322  8.955   1.00 38.27 ? 48   VAL A CG2 1 
ATOM   375 N N   . VAL A 1 49 ? -6.624  2.165   5.498   1.00 39.59 ? 49   VAL A N   1 
ATOM   376 C CA  . VAL A 1 49 ? -5.575  3.091   5.075   1.00 39.14 ? 49   VAL A CA  1 
ATOM   377 C C   . VAL A 1 49 ? -5.717  4.447   5.774   1.00 38.23 ? 49   VAL A C   1 
ATOM   378 O O   . VAL A 1 49 ? -6.766  5.082   5.695   1.00 42.56 ? 49   VAL A O   1 
ATOM   379 C CB  . VAL A 1 49 ? -5.483  3.234   3.532   1.00 36.06 ? 49   VAL A CB  1 
ATOM   380 C CG1 . VAL A 1 49 ? -6.586  2.470   2.839   1.00 33.67 ? 49   VAL A CG1 1 
ATOM   381 C CG2 . VAL A 1 49 ? -5.483  4.678   3.135   1.00 36.62 ? 49   VAL A CG2 1 
ATOM   382 N N   . GLN A 1 50 ? -4.665  4.848   6.491   1.00 40.33 ? 50   GLN A N   1 
ATOM   383 C CA  . GLN A 1 50 ? -4.636  6.087   7.267   1.00 45.74 ? 50   GLN A CA  1 
ATOM   384 C C   . GLN A 1 50 ? -3.511  6.947   6.748   1.00 53.21 ? 50   GLN A C   1 
ATOM   385 O O   . GLN A 1 50 ? -2.343  6.575   6.851   1.00 52.78 ? 50   GLN A O   1 
ATOM   386 C CB  . GLN A 1 50 ? -4.352  5.814   8.744   1.00 44.18 ? 50   GLN A CB  1 
ATOM   387 C CG  . GLN A 1 50 ? -5.046  4.603   9.317   1.00 51.40 ? 50   GLN A CG  1 
ATOM   388 C CD  . GLN A 1 50 ? -4.131  3.794   10.214  1.00 54.46 ? 50   GLN A CD  1 
ATOM   389 O OE1 . GLN A 1 50 ? -3.341  4.356   10.972  1.00 58.02 ? 50   GLN A OE1 1 
ATOM   390 N NE2 . GLN A 1 50 ? -4.218  2.465   10.118  1.00 51.31 ? 50   GLN A NE2 1 
ATOM   391 N N   . LYS A 1 51 ? -3.860  8.101   6.195   1.00 61.73 ? 51   LYS A N   1 
ATOM   392 C CA  . LYS A 1 51 ? -2.861  9.011   5.660   1.00 67.13 ? 51   LYS A CA  1 
ATOM   393 C C   . LYS A 1 51 ? -2.228  9.793   6.800   1.00 68.17 ? 51   LYS A C   1 
ATOM   394 O O   . LYS A 1 51 ? -2.918  10.440  7.587   1.00 71.64 ? 51   LYS A O   1 
ATOM   395 C CB  . LYS A 1 51 ? -3.474  9.945   4.607   1.00 72.37 ? 51   LYS A CB  1 
ATOM   396 C CG  . LYS A 1 51 ? -4.067  11.235  5.152   1.00 75.99 ? 51   LYS A CG  1 
ATOM   397 C CD  . LYS A 1 51 ? -5.090  11.809  4.182   1.00 78.99 ? 51   LYS A CD  1 
ATOM   398 C CE  . LYS A 1 51 ? -4.956  13.320  4.052   1.00 78.22 ? 51   LYS A CE  1 
ATOM   399 N NZ  . LYS A 1 51 ? -4.698  13.982  5.366   1.00 79.58 ? 51   LYS A NZ  1 
ATOM   400 N N   . GLU A 1 52 ? -0.907  9.711   6.886   1.00 69.52 ? 52   GLU A N   1 
ATOM   401 C CA  . GLU A 1 52 ? -0.164  10.320  7.977   1.00 69.93 ? 52   GLU A CA  1 
ATOM   402 C C   . GLU A 1 52 ? 0.766   11.414  7.459   1.00 70.51 ? 52   GLU A C   1 
ATOM   403 O O   . GLU A 1 52 ? 1.988   11.331  7.578   1.00 69.12 ? 52   GLU A O   1 
ATOM   404 C CB  . GLU A 1 52 ? 0.622   9.238   8.701   1.00 71.26 ? 52   GLU A CB  1 
ATOM   405 C CG  . GLU A 1 52 ? -0.168  7.947   8.839   1.00 65.90 ? 52   GLU A CG  1 
ATOM   406 C CD  . GLU A 1 52 ? 0.584   6.894   9.611   1.00 67.98 ? 52   GLU A CD  1 
ATOM   407 O OE1 . GLU A 1 52 ? 0.082   6.478   10.681  1.00 66.74 ? 52   GLU A OE1 1 
ATOM   408 O OE2 . GLU A 1 52 ? 1.682   6.501   9.152   1.00 61.53 ? 52   GLU A OE2 1 
ATOM   409 N N   . GLY A 1 53 ? 0.166   12.446  6.882   1.00 68.51 ? 53   GLY A N   1 
ATOM   410 C CA  . GLY A 1 53 ? 0.925   13.517  6.280   1.00 63.91 ? 53   GLY A CA  1 
ATOM   411 C C   . GLY A 1 53 ? 1.462   13.090  4.932   1.00 66.52 ? 53   GLY A C   1 
ATOM   412 O O   . GLY A 1 53 ? 0.704   12.749  4.021   1.00 66.18 ? 53   GLY A O   1 
ATOM   413 N N   . VAL A 1 54 ? 2.781   13.098  4.816   1.00 65.90 ? 54   VAL A N   1 
ATOM   414 C CA  . VAL A 1 54 ? 3.447   12.825  3.554   1.00 58.19 ? 54   VAL A CA  1 
ATOM   415 C C   . VAL A 1 54 ? 3.525   11.323  3.308   1.00 62.48 ? 54   VAL A C   1 
ATOM   416 O O   . VAL A 1 54 ? 4.105   10.879  2.309   1.00 57.35 ? 54   VAL A O   1 
ATOM   417 C CB  . VAL A 1 54 ? 4.870   13.386  3.593   1.00 61.16 ? 54   VAL A CB  1 
ATOM   418 C CG1 . VAL A 1 54 ? 5.239   14.002  2.250   1.00 57.57 ? 54   VAL A CG1 1 
ATOM   419 C CG2 . VAL A 1 54 ? 4.996   14.403  4.730   1.00 56.80 ? 54   VAL A CG2 1 
ATOM   420 N N   . ARG A 1 55 ? 2.955   10.547  4.235   1.00 63.50 ? 55   ARG A N   1 
ATOM   421 C CA  . ARG A 1 55 ? 2.940   9.085   4.148   1.00 57.46 ? 55   ARG A CA  1 
ATOM   422 C C   . ARG A 1 55 ? 1.532   8.509   4.280   1.00 57.79 ? 55   ARG A C   1 
ATOM   423 O O   . ARG A 1 55 ? 0.665   9.093   4.924   1.00 58.36 ? 55   ARG A O   1 
ATOM   424 C CB  . ARG A 1 55 ? 3.833   8.462   5.224   1.00 58.29 ? 55   ARG A CB  1 
ATOM   425 C CG  . ARG A 1 55 ? 5.296   8.838   5.131   1.00 62.83 ? 55   ARG A CG  1 
ATOM   426 C CD  . ARG A 1 55 ? 6.109   8.128   6.199   1.00 63.64 ? 55   ARG A CD  1 
ATOM   427 N NE  . ARG A 1 55 ? 7.162   8.991   6.728   1.00 78.56 ? 55   ARG A NE  1 
ATOM   428 C CZ  . ARG A 1 55 ? 8.455   8.871   6.446   1.00 79.57 ? 55   ARG A CZ  1 
ATOM   429 N NH1 . ARG A 1 55 ? 9.326   9.718   6.984   1.00 74.29 ? 55   ARG A NH1 1 
ATOM   430 N NH2 . ARG A 1 55 ? 8.881   7.904   5.636   1.00 72.56 ? 55   ARG A NH2 1 
ATOM   431 N N   . SER A 1 56 ? 1.317   7.348   3.669   1.00 54.82 ? 56   SER A N   1 
ATOM   432 C CA  . SER A 1 56 ? 0.043   6.651   3.764   1.00 47.13 ? 56   SER A CA  1 
ATOM   433 C C   . SER A 1 56 ? 0.273   5.221   4.217   1.00 48.74 ? 56   SER A C   1 
ATOM   434 O O   . SER A 1 56 ? 1.136   4.522   3.675   1.00 46.94 ? 56   SER A O   1 
ATOM   435 C CB  . SER A 1 56 ? -0.666  6.645   2.416   1.00 47.16 ? 56   SER A CB  1 
ATOM   436 O OG  . SER A 1 56 ? -1.496  5.507   2.289   1.00 44.43 ? 56   SER A OG  1 
ATOM   437 N N   . ARG A 1 57 ? -0.504  4.790   5.208   1.00 47.22 ? 57   ARG A N   1 
ATOM   438 C CA  . ARG A 1 57 ? -0.347  3.455   5.764   1.00 43.31 ? 57   ARG A CA  1 
ATOM   439 C C   . ARG A 1 57 ? -1.496  2.543   5.365   1.00 39.88 ? 57   ARG A C   1 
ATOM   440 O O   . ARG A 1 57 ? -2.651  2.789   5.701   1.00 41.87 ? 57   ARG A O   1 
ATOM   441 C CB  . ARG A 1 57 ? -0.219  3.505   7.292   1.00 42.64 ? 57   ARG A CB  1 
ATOM   442 C CG  . ARG A 1 57 ? -0.054  2.138   7.933   1.00 38.66 ? 57   ARG A CG  1 
ATOM   443 C CD  . ARG A 1 57 ? 0.037   2.214   9.442   1.00 44.65 ? 57   ARG A CD  1 
ATOM   444 N NE  . ARG A 1 57 ? 1.333   2.724   9.880   1.00 54.11 ? 57   ARG A NE  1 
ATOM   445 C CZ  . ARG A 1 57 ? 1.787   2.656   11.131  1.00 54.78 ? 57   ARG A CZ  1 
ATOM   446 N NH1 . ARG A 1 57 ? 1.050   2.091   12.082  1.00 40.05 ? 57   ARG A NH1 1 
ATOM   447 N NH2 . ARG A 1 57 ? 2.984   3.155   11.426  1.00 55.37 ? 57   ARG A NH2 1 
ATOM   448 N N   . LEU A 1 58 ? -1.170  1.486   4.636   1.00 38.92 ? 58   LEU A N   1 
ATOM   449 C CA  . LEU A 1 58 ? -2.136  0.445   4.342   1.00 36.15 ? 58   LEU A CA  1 
ATOM   450 C C   . LEU A 1 58 ? -1.915  -0.692  5.324   1.00 39.05 ? 58   LEU A C   1 
ATOM   451 O O   . LEU A 1 58 ? -0.841  -1.290  5.358   1.00 40.66 ? 58   LEU A O   1 
ATOM   452 C CB  . LEU A 1 58 ? -1.955  -0.058  2.913   1.00 33.01 ? 58   LEU A CB  1 
ATOM   453 C CG  . LEU A 1 58 ? -2.631  -1.386  2.601   1.00 33.03 ? 58   LEU A CG  1 
ATOM   454 C CD1 . LEU A 1 58 ? -4.138  -1.209  2.534   1.00 31.75 ? 58   LEU A CD1 1 
ATOM   455 C CD2 . LEU A 1 58 ? -2.086  -1.958  1.309   1.00 30.23 ? 58   LEU A CD2 1 
ATOM   456 N N   . THR A 1 59 ? -2.923  -0.983  6.134   1.00 37.64 ? 59   THR A N   1 
ATOM   457 C CA  . THR A 1 59 ? -2.837  -2.108  7.049   1.00 36.94 ? 59   THR A CA  1 
ATOM   458 C C   . THR A 1 59 ? -3.809  -3.204  6.630   1.00 39.68 ? 59   THR A C   1 
ATOM   459 O O   . THR A 1 59 ? -5.019  -2.995  6.584   1.00 39.83 ? 59   THR A O   1 
ATOM   460 C CB  . THR A 1 59 ? -3.119  -1.686  8.499   1.00 39.63 ? 59   THR A CB  1 
ATOM   461 O OG1 . THR A 1 59 ? -2.065  -0.836  8.967   1.00 45.62 ? 59   THR A OG1 1 
ATOM   462 C CG2 . THR A 1 59 ? -3.210  -2.900  9.405   1.00 37.42 ? 59   THR A CG2 1 
ATOM   463 N N   . ILE A 1 60 ? -3.267  -4.372  6.310   1.00 37.58 ? 60   ILE A N   1 
ATOM   464 C CA  . ILE A 1 60 ? -4.089  -5.532  6.030   1.00 37.27 ? 60   ILE A CA  1 
ATOM   465 C C   . ILE A 1 60 ? -4.212  -6.388  7.280   1.00 35.67 ? 60   ILE A C   1 
ATOM   466 O O   . ILE A 1 60 ? -3.221  -6.930  7.752   1.00 38.76 ? 60   ILE A O   1 
ATOM   467 C CB  . ILE A 1 60 ? -3.474  -6.381  4.919   1.00 35.95 ? 60   ILE A CB  1 
ATOM   468 C CG1 . ILE A 1 60 ? -3.594  -5.649  3.576   1.00 36.98 ? 60   ILE A CG1 1 
ATOM   469 C CG2 . ILE A 1 60 ? -4.138  -7.757  4.889   1.00 31.21 ? 60   ILE A CG2 1 
ATOM   470 C CD1 . ILE A 1 60 ? -2.501  -5.980  2.562   1.00 34.89 ? 60   ILE A CD1 1 
ATOM   471 N N   . TYR A 1 61 ? -5.422  -6.506  7.818   1.00 35.55 ? 61   TYR A N   1 
ATOM   472 C CA  . TYR A 1 61 ? -5.657  -7.342  8.992   1.00 38.21 ? 61   TYR A CA  1 
ATOM   473 C C   . TYR A 1 61 ? -6.136  -8.733  8.607   1.00 38.64 ? 61   TYR A C   1 
ATOM   474 O O   . TYR A 1 61 ? -6.699  -8.924  7.536   1.00 41.52 ? 61   TYR A O   1 
ATOM   475 C CB  . TYR A 1 61 ? -6.699  -6.710  9.912   1.00 38.63 ? 61   TYR A CB  1 
ATOM   476 C CG  . TYR A 1 61 ? -6.235  -5.471  10.635  1.00 38.44 ? 61   TYR A CG  1 
ATOM   477 C CD1 . TYR A 1 61 ? -5.540  -5.558  11.835  1.00 38.47 ? 61   TYR A CD1 1 
ATOM   478 C CD2 . TYR A 1 61 ? -6.514  -4.210  10.130  1.00 42.74 ? 61   TYR A CD2 1 
ATOM   479 C CE1 . TYR A 1 61 ? -5.123  -4.424  12.493  1.00 42.33 ? 61   TYR A CE1 1 
ATOM   480 C CE2 . TYR A 1 61 ? -6.106  -3.072  10.785  1.00 40.06 ? 61   TYR A CE2 1 
ATOM   481 C CZ  . TYR A 1 61 ? -5.411  -3.182  11.959  1.00 39.23 ? 61   TYR A CZ  1 
ATOM   482 O OH  . TYR A 1 61 ? -5.018  -2.039  12.598  1.00 44.94 ? 61   TYR A OH  1 
ATOM   483 N N   . ASN A 1 62 ? -5.917  -9.699  9.492   1.00 38.88 ? 62   ASN A N   1 
ATOM   484 C CA  . ASN A 1 62 ? -6.461  -11.037 9.313   1.00 40.29 ? 62   ASN A CA  1 
ATOM   485 C C   . ASN A 1 62 ? -6.409  -11.494 7.858   1.00 40.06 ? 62   ASN A C   1 
ATOM   486 O O   . ASN A 1 62 ? -7.437  -11.789 7.246   1.00 39.28 ? 62   ASN A O   1 
ATOM   487 C CB  . ASN A 1 62 ? -7.898  -11.079 9.829   1.00 40.72 ? 62   ASN A CB  1 
ATOM   488 C CG  . ASN A 1 62 ? -8.466  -12.478 9.868   1.00 42.98 ? 62   ASN A CG  1 
ATOM   489 O OD1 . ASN A 1 62 ? -7.746  -13.464 9.705   1.00 45.85 ? 62   ASN A OD1 1 
ATOM   490 N ND2 . ASN A 1 62 ? -9.767  -12.572 10.084  1.00 44.32 ? 62   ASN A ND2 1 
ATOM   491 N N   . ALA A 1 63 ? -5.198  -11.549 7.317   1.00 38.84 ? 63   ALA A N   1 
ATOM   492 C CA  . ALA A 1 63 ? -4.979  -11.882 5.915   1.00 38.32 ? 63   ALA A CA  1 
ATOM   493 C C   . ALA A 1 63 ? -5.627  -13.200 5.514   1.00 40.49 ? 63   ALA A C   1 
ATOM   494 O O   . ALA A 1 63 ? -5.685  -14.142 6.301   1.00 44.41 ? 63   ALA A O   1 
ATOM   495 C CB  . ALA A 1 63 ? -3.485  -11.909 5.604   1.00 37.51 ? 63   ALA A CB  1 
ATOM   496 N N   . ASN A 1 64 ? -6.114  -13.244 4.280   1.00 38.01 ? 64   ASN A N   1 
ATOM   497 C CA  . ASN A 1 64 ? -6.684  -14.448 3.706   1.00 41.01 ? 64   ASN A CA  1 
ATOM   498 C C   . ASN A 1 64 ? -6.064  -14.710 2.326   1.00 48.49 ? 64   ASN A C   1 
ATOM   499 O O   . ASN A 1 64 ? -5.478  -13.811 1.726   1.00 49.79 ? 64   ASN A O   1 
ATOM   500 C CB  . ASN A 1 64 ? -8.211  -14.328 3.629   1.00 38.62 ? 64   ASN A CB  1 
ATOM   501 C CG  . ASN A 1 64 ? -8.676  -13.269 2.633   1.00 45.19 ? 64   ASN A CG  1 
ATOM   502 O OD1 . ASN A 1 64 ? -8.364  -13.333 1.441   1.00 53.84 ? 64   ASN A OD1 1 
ATOM   503 N ND2 . ASN A 1 64 ? -9.446  -12.303 3.113   1.00 40.06 ? 64   ASN A ND2 1 
ATOM   504 N N   . ILE A 1 65 ? -6.194  -15.935 1.826   1.00 53.23 ? 65   ILE A N   1 
ATOM   505 C CA  . ILE A 1 65 ? -5.575  -16.332 0.556   1.00 53.97 ? 65   ILE A CA  1 
ATOM   506 C C   . ILE A 1 65 ? -5.932  -15.438 -0.636  1.00 52.91 ? 65   ILE A C   1 
ATOM   507 O O   . ILE A 1 65 ? -5.244  -15.455 -1.658  1.00 55.03 ? 65   ILE A O   1 
ATOM   508 C CB  . ILE A 1 65 ? -5.937  -17.789 0.190   1.00 57.02 ? 65   ILE A CB  1 
ATOM   509 C CG1 . ILE A 1 65 ? -7.465  -17.938 0.082   1.00 61.40 ? 65   ILE A CG1 1 
ATOM   510 C CG2 . ILE A 1 65 ? -5.325  -18.761 1.213   1.00 52.97 ? 65   ILE A CG2 1 
ATOM   511 C CD1 . ILE A 1 65 ? -7.948  -19.249 -0.539  1.00 54.57 ? 65   ILE A CD1 1 
ATOM   512 N N   . GLU A 1 66 ? -6.999  -14.660 -0.508  1.00 50.59 ? 66   GLU A N   1 
ATOM   513 C CA  . GLU A 1 66 ? -7.464  -13.832 -1.608  1.00 49.29 ? 66   GLU A CA  1 
ATOM   514 C C   . GLU A 1 66 ? -6.808  -12.450 -1.611  1.00 53.72 ? 66   GLU A C   1 
ATOM   515 O O   . GLU A 1 66 ? -6.918  -11.703 -2.586  1.00 55.51 ? 66   GLU A O   1 
ATOM   516 C CB  . GLU A 1 66 ? -8.983  -13.700 -1.561  1.00 59.87 ? 66   GLU A CB  1 
ATOM   517 C CG  . GLU A 1 66 ? -9.591  -13.256 -2.879  1.00 76.52 ? 66   GLU A CG  1 
ATOM   518 C CD  . GLU A 1 66 ? -11.062 -12.912 -2.757  1.00 92.80 ? 66   GLU A CD  1 
ATOM   519 O OE1 . GLU A 1 66 ? -11.524 -12.683 -1.617  1.00 93.29 ? 66   GLU A OE1 1 
ATOM   520 O OE2 . GLU A 1 66 ? -11.754 -12.867 -3.799  1.00 99.46 ? 66   GLU A OE2 1 
ATOM   521 N N   . ASP A 1 67 ? -6.121  -12.110 -0.524  1.00 51.24 ? 67   ASP A N   1 
ATOM   522 C CA  . ASP A 1 67 ? -5.423  -10.830 -0.444  1.00 47.57 ? 67   ASP A CA  1 
ATOM   523 C C   . ASP A 1 67 ? -4.159  -10.824 -1.302  1.00 45.56 ? 67   ASP A C   1 
ATOM   524 O O   . ASP A 1 67 ? -3.567  -9.771  -1.541  1.00 43.41 ? 67   ASP A O   1 
ATOM   525 C CB  . ASP A 1 67 ? -5.061  -10.502 1.006   1.00 46.25 ? 67   ASP A CB  1 
ATOM   526 C CG  . ASP A 1 67 ? -6.259  -10.081 1.825   1.00 39.76 ? 67   ASP A CG  1 
ATOM   527 O OD1 . ASP A 1 67 ? -7.101  -9.309  1.315   1.00 36.63 ? 67   ASP A OD1 1 
ATOM   528 O OD2 . ASP A 1 67 ? -6.350  -10.520 2.986   1.00 36.38 ? 67   ASP A OD2 1 
ATOM   529 N N   . ALA A 1 68 ? -3.748  -12.005 -1.753  1.00 42.50 ? 68   ALA A N   1 
ATOM   530 C CA  . ALA A 1 68 ? -2.568  -12.142 -2.596  1.00 39.42 ? 68   ALA A CA  1 
ATOM   531 C C   . ALA A 1 68 ? -2.615  -11.179 -3.776  1.00 41.69 ? 68   ALA A C   1 
ATOM   532 O O   . ALA A 1 68 ? -3.678  -10.691 -4.145  1.00 44.59 ? 68   ALA A O   1 
ATOM   533 C CB  . ALA A 1 68 ? -2.448  -13.569 -3.085  1.00 46.97 ? 68   ALA A CB  1 
ATOM   534 N N   . GLY A 1 69 ? -1.460  -10.893 -4.362  1.00 43.73 ? 69   GLY A N   1 
ATOM   535 C CA  . GLY A 1 69 ? -1.416  -10.030 -5.528  1.00 41.84 ? 69   GLY A CA  1 
ATOM   536 C C   . GLY A 1 69 ? -0.494  -8.828  -5.419  1.00 43.43 ? 69   GLY A C   1 
ATOM   537 O O   . GLY A 1 69 ? 0.195   -8.635  -4.417  1.00 43.69 ? 69   GLY A O   1 
ATOM   538 N N   . ILE A 1 70 ? -0.483  -8.019  -6.472  1.00 40.08 ? 70   ILE A N   1 
ATOM   539 C CA  . ILE A 1 70 ? 0.320   -6.814  -6.506  1.00 38.86 ? 70   ILE A CA  1 
ATOM   540 C C   . ILE A 1 70 ? -0.489  -5.654  -5.986  1.00 41.22 ? 70   ILE A C   1 
ATOM   541 O O   . ILE A 1 70 ? -1.610  -5.425  -6.432  1.00 42.20 ? 70   ILE A O   1 
ATOM   542 C CB  . ILE A 1 70 ? 0.700   -6.444  -7.936  1.00 39.91 ? 70   ILE A CB  1 
ATOM   543 C CG1 . ILE A 1 70 ? 1.502   -7.564  -8.587  1.00 37.84 ? 70   ILE A CG1 1 
ATOM   544 C CG2 . ILE A 1 70 ? 1.463   -5.123  -7.961  1.00 38.98 ? 70   ILE A CG2 1 
ATOM   545 C CD1 . ILE A 1 70 ? 2.017   -7.200  -9.953  1.00 40.91 ? 70   ILE A CD1 1 
ATOM   546 N N   . TYR A 1 71 ? 0.084   -4.911  -5.053  1.00 39.72 ? 71   TYR A N   1 
ATOM   547 C CA  . TYR A 1 71 ? -0.550  -3.696  -4.582  1.00 35.16 ? 71   TYR A CA  1 
ATOM   548 C C   . TYR A 1 71 ? 0.247   -2.521  -5.094  1.00 39.55 ? 71   TYR A C   1 
ATOM   549 O O   . TYR A 1 71 ? 1.467   -2.594  -5.174  1.00 44.11 ? 71   TYR A O   1 
ATOM   550 C CB  . TYR A 1 71 ? -0.598  -3.680  -3.061  1.00 36.70 ? 71   TYR A CB  1 
ATOM   551 C CG  . TYR A 1 71 ? -1.554  -4.691  -2.494  1.00 37.69 ? 71   TYR A CG  1 
ATOM   552 C CD1 . TYR A 1 71 ? -2.684  -4.290  -1.798  1.00 37.43 ? 71   TYR A CD1 1 
ATOM   553 C CD2 . TYR A 1 71 ? -1.343  -6.050  -2.672  1.00 38.05 ? 71   TYR A CD2 1 
ATOM   554 C CE1 . TYR A 1 71 ? -3.570  -5.215  -1.282  1.00 36.18 ? 71   TYR A CE1 1 
ATOM   555 C CE2 . TYR A 1 71 ? -2.224  -6.977  -2.156  1.00 39.69 ? 71   TYR A CE2 1 
ATOM   556 C CZ  . TYR A 1 71 ? -3.335  -6.552  -1.465  1.00 33.28 ? 71   TYR A CZ  1 
ATOM   557 O OH  . TYR A 1 71 ? -4.217  -7.466  -0.949  1.00 38.95 ? 71   TYR A OH  1 
ATOM   558 N N   . ARG A 1 72 ? -0.447  -1.446  -5.454  1.00 42.13 ? 72   ARG A N   1 
ATOM   559 C CA  . ARG A 1 72 ? 0.186   -0.225  -5.928  1.00 37.12 ? 72   ARG A CA  1 
ATOM   560 C C   . ARG A 1 72 ? -0.033  0.905   -4.930  1.00 41.88 ? 72   ARG A C   1 
ATOM   561 O O   . ARG A 1 72 ? -1.131  1.082   -4.392  1.00 42.22 ? 72   ARG A O   1 
ATOM   562 C CB  . ARG A 1 72 ? -0.414  0.223   -7.262  1.00 42.17 ? 72   ARG A CB  1 
ATOM   563 C CG  . ARG A 1 72 ? -0.043  -0.570  -8.499  1.00 42.01 ? 72   ARG A CG  1 
ATOM   564 C CD  . ARG A 1 72 ? -1.072  -0.285  -9.606  1.00 43.95 ? 72   ARG A CD  1 
ATOM   565 N NE  . ARG A 1 72 ? -1.345  1.148   -9.757  1.00 42.94 ? 72   ARG A NE  1 
ATOM   566 C CZ  . ARG A 1 72 ? -2.524  1.662   -10.115 1.00 46.57 ? 72   ARG A CZ  1 
ATOM   567 N NH1 . ARG A 1 72 ? -3.563  0.872   -10.348 1.00 44.08 ? 72   ARG A NH1 1 
ATOM   568 N NH2 . ARG A 1 72 ? -2.674  2.977   -10.228 1.00 48.88 ? 72   ARG A NH2 1 
ATOM   569 N N   . CYS A 1 73 ? 1.021   1.670   -4.686  1.00 43.34 ? 73   CYS A N   1 
ATOM   570 C CA  . CYS A 1 73 ? 0.872   2.979   -4.095  1.00 37.84 ? 73   CYS A CA  1 
ATOM   571 C C   . CYS A 1 73 ? 1.037   3.963   -5.237  1.00 45.18 ? 73   CYS A C   1 
ATOM   572 O O   . CYS A 1 73 ? 1.899   3.773   -6.094  1.00 45.74 ? 73   CYS A O   1 
ATOM   573 C CB  . CYS A 1 73 ? 1.938   3.233   -3.048  1.00 36.88 ? 73   CYS A CB  1 
ATOM   574 S SG  . CYS A 1 73 ? 1.717   4.860   -2.325  1.00 40.31 ? 73   CYS A SG  1 
ATOM   575 N N   . GLN A 1 74 ? 0.210   5.003   -5.267  1.00 43.07 ? 74   GLN A N   1 
ATOM   576 C CA  . GLN A 1 74 ? 0.256   5.957   -6.363  1.00 37.81 ? 74   GLN A CA  1 
ATOM   577 C C   . GLN A 1 74 ? 0.143   7.389   -5.874  1.00 40.96 ? 74   GLN A C   1 
ATOM   578 O O   . GLN A 1 74 ? -0.841  7.759   -5.240  1.00 43.78 ? 74   GLN A O   1 
ATOM   579 C CB  . GLN A 1 74 ? -0.836  5.657   -7.382  1.00 40.64 ? 74   GLN A CB  1 
ATOM   580 C CG  . GLN A 1 74 ? -0.940  6.695   -8.483  1.00 47.73 ? 74   GLN A CG  1 
ATOM   581 C CD  . GLN A 1 74 ? -1.391  6.097   -9.800  1.00 50.45 ? 74   GLN A CD  1 
ATOM   582 O OE1 . GLN A 1 74 ? -0.581  5.575   -10.574 1.00 48.12 ? 74   GLN A OE1 1 
ATOM   583 N NE2 . GLN A 1 74 ? -2.690  6.175   -10.066 1.00 50.12 ? 74   GLN A NE2 1 
ATOM   584 N N   . ALA A 1 75 ? 1.163   8.189   -6.173  1.00 41.75 ? 75   ALA A N   1 
ATOM   585 C CA  . ALA A 1 75 ? 1.233   9.559   -5.701  1.00 38.95 ? 75   ALA A CA  1 
ATOM   586 C C   . ALA A 1 75 ? 0.875   10.492  -6.837  1.00 44.82 ? 75   ALA A C   1 
ATOM   587 O O   . ALA A 1 75 ? 1.056   10.154  -8.001  1.00 49.75 ? 75   ALA A O   1 
ATOM   588 C CB  . ALA A 1 75 ? 2.618   9.864   -5.192  1.00 40.19 ? 75   ALA A CB  1 
ATOM   589 N N   . THR A 1 76 ? 0.372   11.670  -6.495  1.00 46.45 ? 76   THR A N   1 
ATOM   590 C CA  . THR A 1 76 ? -0.110  12.621  -7.485  1.00 49.49 ? 76   THR A CA  1 
ATOM   591 C C   . THR A 1 76 ? 0.260   14.031  -7.065  1.00 52.02 ? 76   THR A C   1 
ATOM   592 O O   . THR A 1 76 ? -0.190  14.491  -6.013  1.00 48.90 ? 76   THR A O   1 
ATOM   593 C CB  . THR A 1 76 ? -1.647  12.557  -7.595  1.00 46.79 ? 76   THR A CB  1 
ATOM   594 O OG1 . THR A 1 76 ? -2.037  11.279  -8.107  1.00 51.73 ? 76   THR A OG1 1 
ATOM   595 C CG2 . THR A 1 76 ? -2.168  13.639  -8.520  1.00 41.73 ? 76   THR A CG2 1 
ATOM   596 N N   . ASP A 1 77 ? 1.075   14.716  -7.869  1.00 52.46 ? 77   ASP A N   1 
ATOM   597 C CA  . ASP A 1 77 ? 1.377   16.123  -7.590  1.00 52.30 ? 77   ASP A CA  1 
ATOM   598 C C   . ASP A 1 77 ? 0.213   16.990  -8.057  1.00 50.33 ? 77   ASP A C   1 
ATOM   599 O O   . ASP A 1 77 ? -0.788  16.469  -8.545  1.00 54.38 ? 77   ASP A O   1 
ATOM   600 C CB  . ASP A 1 77 ? 2.689   16.563  -8.228  1.00 45.90 ? 77   ASP A CB  1 
ATOM   601 C CG  . ASP A 1 77 ? 2.567   16.757  -9.701  1.00 51.05 ? 77   ASP A CG  1 
ATOM   602 O OD1 . ASP A 1 77 ? 1.955   17.764  -10.106 1.00 51.85 ? 77   ASP A OD1 1 
ATOM   603 O OD2 . ASP A 1 77 ? 3.082   15.908  -10.457 1.00 54.85 ? 77   ASP A OD2 1 
ATOM   604 N N   . ALA A 1 78 ? 0.323   18.304  -7.900  1.00 52.35 ? 78   ALA A N   1 
ATOM   605 C CA  . ALA A 1 78 ? -0.850  19.159  -8.089  1.00 54.79 ? 78   ALA A CA  1 
ATOM   606 C C   . ALA A 1 78 ? -1.163  19.507  -9.550  1.00 50.65 ? 78   ALA A C   1 
ATOM   607 O O   . ALA A 1 78 ? -2.205  20.093  -9.841  1.00 50.14 ? 78   ALA A O   1 
ATOM   608 C CB  . ALA A 1 78 ? -0.745  20.415  -7.239  1.00 53.94 ? 78   ALA A CB  1 
ATOM   609 N N   . LYS A 1 79 ? -0.263  19.143  -10.456 1.00 48.48 ? 79   LYS A N   1 
ATOM   610 C CA  . LYS A 1 79 ? -0.505  19.293  -11.887 1.00 47.67 ? 79   LYS A CA  1 
ATOM   611 C C   . LYS A 1 79 ? -0.881  17.947  -12.493 1.00 51.14 ? 79   LYS A C   1 
ATOM   612 O O   . LYS A 1 79 ? -0.658  17.692  -13.680 1.00 52.76 ? 79   LYS A O   1 
ATOM   613 C CB  . LYS A 1 79 ? 0.719   19.881  -12.596 1.00 54.64 ? 79   LYS A CB  1 
ATOM   614 C CG  . LYS A 1 79 ? 0.924   21.383  -12.356 1.00 52.88 ? 79   LYS A CG  1 
ATOM   615 C CD  . LYS A 1 79 ? 2.402   21.768  -12.431 1.00 54.68 ? 79   LYS A CD  1 
ATOM   616 C CE  . LYS A 1 79 ? 2.653   23.197  -11.955 1.00 58.12 ? 79   LYS A CE  1 
ATOM   617 N NZ  . LYS A 1 79 ? 4.108   23.447  -11.692 1.00 58.16 ? 79   LYS A NZ  1 
ATOM   618 N N   . GLY A 1 80 ? -1.434  17.086  -11.646 1.00 48.56 ? 80   GLY A N   1 
ATOM   619 C CA  . GLY A 1 80 ? -2.035  15.843  -12.087 1.00 46.70 ? 80   GLY A CA  1 
ATOM   620 C C   . GLY A 1 80 ? -1.080  14.783  -12.583 1.00 49.30 ? 80   GLY A C   1 
ATOM   621 O O   . GLY A 1 80 ? -1.507  13.778  -13.157 1.00 53.07 ? 80   GLY A O   1 
ATOM   622 N N   . GLN A 1 81 ? 0.211   14.990  -12.364 1.00 52.30 ? 81   GLN A N   1 
ATOM   623 C CA  . GLN A 1 81 ? 1.203   14.017  -12.802 1.00 53.75 ? 81   GLN A CA  1 
ATOM   624 C C   . GLN A 1 81 ? 1.424   12.979  -11.710 1.00 53.55 ? 81   GLN A C   1 
ATOM   625 O O   . GLN A 1 81 ? 1.534   13.328  -10.528 1.00 53.15 ? 81   GLN A O   1 
ATOM   626 C CB  . GLN A 1 81 ? 2.514   14.716  -13.138 1.00 52.68 ? 81   GLN A CB  1 
ATOM   627 C CG  . GLN A 1 81 ? 2.337   16.167  -13.545 1.00 52.26 ? 81   GLN A CG  1 
ATOM   628 C CD  . GLN A 1 81 ? 3.601   16.744  -14.138 1.00 58.46 ? 81   GLN A CD  1 
ATOM   629 O OE1 . GLN A 1 81 ? 4.166   17.703  -13.607 1.00 55.57 ? 81   GLN A OE1 1 
ATOM   630 N NE2 . GLN A 1 81 ? 4.069   16.149  -15.240 1.00 61.21 ? 81   GLN A NE2 1 
ATOM   631 N N   . THR A 1 82 ? 1.487   11.708  -12.103 1.00 50.57 ? 82   THR A N   1 
ATOM   632 C CA  . THR A 1 82 ? 1.584   10.625  -11.131 1.00 48.89 ? 82   THR A CA  1 
ATOM   633 C C   . THR A 1 82 ? 2.939   9.939   -11.098 1.00 55.43 ? 82   THR A C   1 
ATOM   634 O O   . THR A 1 82 ? 3.821   10.211  -11.916 1.00 58.96 ? 82   THR A O   1 
ATOM   635 C CB  . THR A 1 82 ? 0.531   9.534   -11.369 1.00 49.46 ? 82   THR A CB  1 
ATOM   636 O OG1 . THR A 1 82 ? 0.791   8.879   -12.620 1.00 53.11 ? 82   THR A OG1 1 
ATOM   637 C CG2 . THR A 1 82 ? -0.865  10.127  -11.364 1.00 48.12 ? 82   THR A CG2 1 
ATOM   638 N N   . GLN A 1 83 ? 3.072   9.041   -10.126 1.00 53.69 ? 83   GLN A N   1 
ATOM   639 C CA  . GLN A 1 83 ? 4.265   8.247   -9.904  1.00 50.12 ? 83   GLN A CA  1 
ATOM   640 C C   . GLN A 1 83 ? 3.824   7.165   -8.932  1.00 52.08 ? 83   GLN A C   1 
ATOM   641 O O   . GLN A 1 83 ? 2.919   7.394   -8.127  1.00 46.05 ? 83   GLN A O   1 
ATOM   642 C CB  . GLN A 1 83 ? 5.376   9.097   -9.287  1.00 48.14 ? 83   GLN A CB  1 
ATOM   643 C CG  . GLN A 1 83 ? 6.756   8.469   -9.376  1.00 54.40 ? 83   GLN A CG  1 
ATOM   644 C CD  . GLN A 1 83 ? 7.106   8.016   -10.790 1.00 62.31 ? 83   GLN A CD  1 
ATOM   645 O OE1 . GLN A 1 83 ? 7.591   6.900   -10.997 1.00 63.88 ? 83   GLN A OE1 1 
ATOM   646 N NE2 . GLN A 1 83 ? 6.848   8.879   -11.770 1.00 55.99 ? 83   GLN A NE2 1 
ATOM   647 N N   . GLU A 1 84 ? 4.449   5.991   -9.004  1.00 59.30 ? 84   GLU A N   1 
ATOM   648 C CA  . GLU A 1 84 ? 3.998   4.856   -8.205  1.00 51.52 ? 84   GLU A CA  1 
ATOM   649 C C   . GLU A 1 84 ? 5.080   3.851   -7.768  1.00 49.43 ? 84   GLU A C   1 
ATOM   650 O O   . GLU A 1 84 ? 6.187   3.802   -8.312  1.00 44.50 ? 84   GLU A O   1 
ATOM   651 C CB  . GLU A 1 84 ? 2.885   4.119   -8.952  1.00 49.16 ? 84   GLU A CB  1 
ATOM   652 C CG  . GLU A 1 84 ? 3.360   3.267   -10.106 1.00 44.88 ? 84   GLU A CG  1 
ATOM   653 C CD  . GLU A 1 84 ? 2.224   2.476   -10.732 1.00 59.85 ? 84   GLU A CD  1 
ATOM   654 O OE1 . GLU A 1 84 ? 1.048   2.774   -10.417 1.00 60.98 ? 84   GLU A OE1 1 
ATOM   655 O OE2 . GLU A 1 84 ? 2.503   1.560   -11.538 1.00 65.05 ? 84   GLU A OE2 1 
ATOM   656 N N   . ALA A 1 85 ? 4.723   3.049   -6.769  1.00 49.26 ? 85   ALA A N   1 
ATOM   657 C CA  . ALA A 1 85 ? 5.553   1.951   -6.296  1.00 44.63 ? 85   ALA A CA  1 
ATOM   658 C C   . ALA A 1 85 ? 4.656   0.738   -6.080  1.00 41.68 ? 85   ALA A C   1 
ATOM   659 O O   . ALA A 1 85 ? 3.536   0.885   -5.609  1.00 46.73 ? 85   ALA A O   1 
ATOM   660 C CB  . ALA A 1 85 ? 6.226   2.338   -4.996  1.00 43.86 ? 85   ALA A CB  1 
ATOM   661 N N   . THR A 1 86 ? 5.139   -0.455  -6.419  1.00 39.96 ? 86   THR A N   1 
ATOM   662 C CA  . THR A 1 86 ? 4.345   -1.669  -6.243  1.00 39.34 ? 86   THR A CA  1 
ATOM   663 C C   . THR A 1 86 ? 5.024   -2.723  -5.371  1.00 40.38 ? 86   THR A C   1 
ATOM   664 O O   . THR A 1 86 ? 6.210   -3.019  -5.534  1.00 42.84 ? 86   THR A O   1 
ATOM   665 C CB  . THR A 1 86 ? 3.990   -2.326  -7.592  1.00 42.43 ? 86   THR A CB  1 
ATOM   666 O OG1 . THR A 1 86 ? 5.102   -3.098  -8.064  1.00 40.34 ? 86   THR A OG1 1 
ATOM   667 C CG2 . THR A 1 86 ? 3.639   -1.271  -8.614  1.00 46.38 ? 86   THR A CG2 1 
ATOM   668 N N   . VAL A 1 87 ? 4.249   -3.294  -4.456  1.00 40.16 ? 87   VAL A N   1 
ATOM   669 C CA  . VAL A 1 87 ? 4.715   -4.381  -3.607  1.00 37.86 ? 87   VAL A CA  1 
ATOM   670 C C   . VAL A 1 87 ? 3.844   -5.606  -3.874  1.00 39.36 ? 87   VAL A C   1 
ATOM   671 O O   . VAL A 1 87 ? 2.657   -5.472  -4.157  1.00 45.65 ? 87   VAL A O   1 
ATOM   672 C CB  . VAL A 1 87 ? 4.647   -3.994  -2.119  1.00 34.35 ? 87   VAL A CB  1 
ATOM   673 C CG1 . VAL A 1 87 ? 3.213   -3.874  -1.671  1.00 37.16 ? 87   VAL A CG1 1 
ATOM   674 C CG2 . VAL A 1 87 ? 5.373   -5.006  -1.268  1.00 35.76 ? 87   VAL A CG2 1 
ATOM   675 N N   . VAL A 1 88 ? 4.443   -6.793  -3.802  1.00 43.50 ? 88   VAL A N   1 
ATOM   676 C CA  . VAL A 1 88 ? 3.759   -8.047  -4.116  1.00 39.86 ? 88   VAL A CA  1 
ATOM   677 C C   . VAL A 1 88 ? 3.413   -8.834  -2.868  1.00 42.82 ? 88   VAL A C   1 
ATOM   678 O O   . VAL A 1 88 ? 4.290   -9.207  -2.094  1.00 46.95 ? 88   VAL A O   1 
ATOM   679 C CB  . VAL A 1 88 ? 4.640   -8.967  -4.978  1.00 42.23 ? 88   VAL A CB  1 
ATOM   680 C CG1 . VAL A 1 88 ? 3.877   -10.230 -5.337  1.00 40.69 ? 88   VAL A CG1 1 
ATOM   681 C CG2 . VAL A 1 88 ? 5.103   -8.243  -6.229  1.00 42.75 ? 88   VAL A CG2 1 
ATOM   682 N N   . LEU A 1 89 ? 2.134   -9.116  -2.681  1.00 44.04 ? 89   LEU A N   1 
ATOM   683 C CA  . LEU A 1 89 ? 1.714   -9.845  -1.500  1.00 40.90 ? 89   LEU A CA  1 
ATOM   684 C C   . LEU A 1 89 ? 1.439   -11.296 -1.849  1.00 47.46 ? 89   LEU A C   1 
ATOM   685 O O   . LEU A 1 89 ? 0.680   -11.593 -2.769  1.00 51.21 ? 89   LEU A O   1 
ATOM   686 C CB  . LEU A 1 89 ? 0.475   -9.199  -0.883  1.00 40.87 ? 89   LEU A CB  1 
ATOM   687 C CG  . LEU A 1 89 ? 0.097   -9.699  0.511   1.00 44.48 ? 89   LEU A CG  1 
ATOM   688 C CD1 . LEU A 1 89 ? 1.186   -9.330  1.503   1.00 47.92 ? 89   LEU A CD1 1 
ATOM   689 C CD2 . LEU A 1 89 ? -1.256  -9.142  0.951   1.00 39.27 ? 89   LEU A CD2 1 
ATOM   690 N N   . GLU A 1 90 ? 2.076   -12.197 -1.114  1.00 48.64 ? 90   GLU A N   1 
ATOM   691 C CA  . GLU A 1 90 ? 1.802   -13.615 -1.219  1.00 44.03 ? 90   GLU A CA  1 
ATOM   692 C C   . GLU A 1 90 ? 1.179   -14.093 0.082   1.00 52.35 ? 90   GLU A C   1 
ATOM   693 O O   . GLU A 1 90 ? 1.568   -13.638 1.158   1.00 51.42 ? 90   GLU A O   1 
ATOM   694 C CB  . GLU A 1 90 ? 3.098   -14.378 -1.462  1.00 52.53 ? 90   GLU A CB  1 
ATOM   695 C CG  . GLU A 1 90 ? 3.268   -15.574 -0.527  1.00 61.12 ? 90   GLU A CG  1 
ATOM   696 C CD  . GLU A 1 90 ? 4.085   -16.707 -1.132  1.00 67.83 ? 90   GLU A CD  1 
ATOM   697 O OE1 . GLU A 1 90 ? 4.590   -16.547 -2.267  1.00 70.20 ? 90   GLU A OE1 1 
ATOM   698 O OE2 . GLU A 1 90 ? 4.207   -17.764 -0.467  1.00 65.63 ? 90   GLU A OE2 1 
ATOM   699 N N   . ILE A 1 91 ? 0.221   -15.013 -0.017  1.00 56.60 ? 91   ILE A N   1 
ATOM   700 C CA  . ILE A 1 91 ? -0.403  -15.617 1.164   1.00 52.92 ? 91   ILE A CA  1 
ATOM   701 C C   . ILE A 1 91 ? -0.183  -17.132 1.209   1.00 53.16 ? 91   ILE A C   1 
ATOM   702 O O   . ILE A 1 91 ? -0.600  -17.848 0.303   1.00 56.95 ? 91   ILE A O   1 
ATOM   703 C CB  . ILE A 1 91 ? -1.909  -15.336 1.197   1.00 47.04 ? 91   ILE A CB  1 
ATOM   704 C CG1 . ILE A 1 91 ? -2.159  -13.834 1.132   1.00 46.45 ? 91   ILE A CG1 1 
ATOM   705 C CG2 . ILE A 1 91 ? -2.528  -15.918 2.451   1.00 49.59 ? 91   ILE A CG2 1 
ATOM   706 C CD1 . ILE A 1 91 ? -1.718  -13.102 2.375   1.00 44.17 ? 91   ILE A CD1 1 
ATOM   707 N N   . TYR A 1 92 ? 0.468   -17.623 2.260   1.00 54.24 ? 92   TYR A N   1 
ATOM   708 C CA  . TYR A 1 92 ? 0.750   -19.053 2.364   1.00 59.01 ? 92   TYR A CA  1 
ATOM   709 C C   . TYR A 1 92 ? -0.089  -19.748 3.433   1.00 63.55 ? 92   TYR A C   1 
ATOM   710 O O   . TYR A 1 92 ? -0.545  -19.112 4.386   1.00 62.52 ? 92   TYR A O   1 
ATOM   711 C CB  . TYR A 1 92 ? 2.250   -19.323 2.580   1.00 59.84 ? 92   TYR A CB  1 
ATOM   712 C CG  . TYR A 1 92 ? 2.814   -18.859 3.907   1.00 59.45 ? 92   TYR A CG  1 
ATOM   713 C CD1 . TYR A 1 92 ? 2.412   -19.442 5.104   1.00 63.97 ? 92   TYR A CD1 1 
ATOM   714 C CD2 . TYR A 1 92 ? 3.776   -17.856 3.963   1.00 59.68 ? 92   TYR A CD2 1 
ATOM   715 C CE1 . TYR A 1 92 ? 2.936   -19.023 6.326   1.00 58.85 ? 92   TYR A CE1 1 
ATOM   716 C CE2 . TYR A 1 92 ? 4.306   -17.433 5.179   1.00 59.84 ? 92   TYR A CE2 1 
ATOM   717 C CZ  . TYR A 1 92 ? 3.880   -18.019 6.357   1.00 56.62 ? 92   TYR A CZ  1 
ATOM   718 O OH  . TYR A 1 92 ? 4.403   -17.602 7.563   1.00 61.00 ? 92   TYR A OH  1 
ATOM   719 N N   . GLN A 1 93 ? -0.274  -21.058 3.259   1.00 72.67 ? 93   GLN A N   1 
ATOM   720 C CA  . GLN A 1 93 ? -1.143  -21.886 4.108   1.00 70.03 ? 93   GLN A CA  1 
ATOM   721 C C   . GLN A 1 93 ? -2.632  -21.816 3.720   1.00 71.17 ? 93   GLN A C   1 
ATOM   722 O O   . GLN A 1 93 ? -2.984  -21.578 2.555   1.00 67.21 ? 93   GLN A O   1 
ATOM   723 C CB  . GLN A 1 93 ? -0.945  -21.580 5.598   1.00 56.94 ? 93   GLN A CB  1 
ATOM   724 C CG  . GLN A 1 93 ? 0.182   -22.360 6.240   1.00 61.99 ? 93   GLN A CG  1 
ATOM   725 C CD  . GLN A 1 93 ? 0.000   -22.496 7.738   1.00 69.93 ? 93   GLN A CD  1 
ATOM   726 O OE1 . GLN A 1 93 ? -0.548  -21.606 8.388   1.00 68.22 ? 93   GLN A OE1 1 
ATOM   727 N NE2 . GLN A 1 93 ? 0.456   -23.615 8.295   1.00 64.99 ? 93   GLN A NE2 1 
ATOM   728 O OXT . GLN A 1 93 ? -3.524  -22.014 4.556   1.00 68.50 ? 93   GLN A OXT 1 
HETATM 729 O O   . HOH B 2 .  ? 8.494   -12.109 4.446   1.00 49.42 ? 2001 HOH A O   1 
HETATM 730 O O   . HOH B 2 .  ? -5.464  15.706  -5.723  1.00 46.57 ? 2002 HOH A O   1 
HETATM 731 O O   . HOH B 2 .  ? -9.324  5.053   0.797   1.00 44.45 ? 2003 HOH A O   1 
HETATM 732 O O   . HOH B 2 .  ? -6.539  5.066   -0.431  1.00 46.56 ? 2004 HOH A O   1 
HETATM 733 O O   . HOH B 2 .  ? 3.226   4.433   8.637   1.00 46.10 ? 2005 HOH A O   1 
HETATM 734 O O   . HOH B 2 .  ? -0.399  -26.074 9.117   1.00 55.89 ? 2006 HOH A O   1 
# 
